data_4C1S
#
_entry.id   4C1S
#
_cell.length_a   100.100
_cell.length_b   44.420
_cell.length_c   103.050
_cell.angle_alpha   90.00
_cell.angle_beta   101.43
_cell.angle_gamma   90.00
#
_symmetry.space_group_name_H-M   'P 1 21 1'
#
loop_
_entity.id
_entity.type
_entity.pdbx_description
1 polymer 'GLYCOSIDE HYDROLASE FAMILY 76 MANNOSIDASE'
2 non-polymer 1,2-ETHANEDIOL
3 non-polymer GLYCEROL
4 water water
#
_entity_poly.entity_id   1
_entity_poly.type   'polypeptide(L)'
_entity_poly.pdbx_seq_one_letter_code
;SHMADRAHSYMTSVIGYYFGKSSRSCWRSNYPYDGKGYWDGDALVWGQGGGLSAFVAMRDATKESEVENLYGAMDDMMFK
GIQYFCQLDRGILAYSCYPAAGNERFYDDNVWIGLDMVDWYTETKEMRYLTQAKVVWRYLIDHGWDETCGGGVHWRELNE
HTTSKHSCSTGPTAVMGCKMYLATQEQEYLDWAIKCYDYMLDVLQDKSDHLFYDNVRPNKDDPNLPGDLEKNKYSYNSGQ
PLQAACLLYKITGEQKYLDEAYAIAESCHKKWFMPYRSKELNLTFNILAPGHAWFNTIMCRGFFELYSIDNDRKYIDDIE
KSMIHAWSSSCHQGNNLLNDDDLRGGTTKTGWEILHQGALVELYARLAVLERENR
;
_entity_poly.pdbx_strand_id   A,B
#
# COMPACT_ATOMS: atom_id res chain seq x y z
N SER A 1 -13.05 12.96 -36.92
CA SER A 1 -12.37 13.01 -36.43
C SER A 1 -10.98 13.63 -36.30
N HIS A 2 -10.90 14.94 -36.55
CA HIS A 2 -9.62 15.65 -36.66
C HIS A 2 -8.75 15.54 -35.42
N MET A 3 -9.39 15.63 -34.24
CA MET A 3 -8.66 15.80 -32.97
C MET A 3 -7.91 14.51 -32.65
N ALA A 4 -8.56 13.36 -32.87
CA ALA A 4 -7.88 12.04 -32.79
C ALA A 4 -6.62 12.02 -33.65
N ASP A 5 -6.71 12.55 -34.88
CA ASP A 5 -5.60 12.49 -35.85
C ASP A 5 -4.38 13.36 -35.45
N ARG A 6 -4.64 14.60 -35.06
CA ARG A 6 -3.55 15.46 -34.61
C ARG A 6 -2.85 14.79 -33.43
N ALA A 7 -3.62 14.23 -32.51
CA ALA A 7 -3.04 13.66 -31.31
C ALA A 7 -2.19 12.43 -31.64
N HIS A 8 -2.72 11.50 -32.44
CA HIS A 8 -1.94 10.28 -32.78
C HIS A 8 -0.71 10.57 -33.68
N SER A 9 -0.87 11.45 -34.65
CA SER A 9 0.26 11.89 -35.48
C SER A 9 1.42 12.44 -34.65
N TYR A 10 1.07 13.30 -33.70
CA TYR A 10 2.01 13.98 -32.83
C TYR A 10 2.62 12.99 -31.84
N MET A 11 1.80 12.19 -31.18
CA MET A 11 2.40 11.25 -30.23
C MET A 11 3.29 10.22 -30.94
N THR A 12 2.89 9.83 -32.15
CA THR A 12 3.72 8.90 -32.96
C THR A 12 5.12 9.50 -33.12
N SER A 13 5.21 10.75 -33.59
CA SER A 13 6.53 11.36 -33.75
C SER A 13 7.29 11.42 -32.45
N VAL A 14 6.59 11.74 -31.36
CA VAL A 14 7.24 11.85 -30.04
C VAL A 14 7.87 10.50 -29.64
N ILE A 15 7.05 9.47 -29.63
CA ILE A 15 7.58 8.13 -29.37
C ILE A 15 8.80 7.92 -30.27
N GLY A 16 8.63 8.17 -31.57
CA GLY A 16 9.72 8.00 -32.55
C GLY A 16 11.00 8.75 -32.19
N TYR A 17 10.88 10.03 -31.83
CA TYR A 17 12.03 10.86 -31.47
C TYR A 17 12.62 10.59 -30.09
N TYR A 18 11.80 10.27 -29.09
CA TYR A 18 12.28 10.29 -27.68
C TYR A 18 12.29 8.92 -26.93
N PHE A 19 11.49 7.99 -27.39
CA PHE A 19 11.26 6.79 -26.60
C PHE A 19 12.22 5.60 -26.86
N GLY A 20 12.77 5.02 -25.80
CA GLY A 20 13.55 3.78 -25.91
C GLY A 20 14.87 3.87 -26.68
N LYS A 21 15.64 4.93 -26.42
CA LYS A 21 16.95 5.15 -27.01
C LYS A 21 18.00 4.76 -26.03
N SER A 22 17.61 4.04 -25.00
CA SER A 22 18.49 3.73 -23.91
C SER A 22 18.16 2.28 -23.70
N SER A 23 18.88 1.58 -22.84
CA SER A 23 18.46 0.24 -22.46
C SER A 23 17.30 0.21 -21.46
N ARG A 24 16.91 1.38 -20.93
CA ARG A 24 15.88 1.46 -19.88
C ARG A 24 14.46 1.79 -20.32
N SER A 25 14.14 1.50 -21.58
CA SER A 25 12.77 1.52 -22.08
C SER A 25 11.98 2.78 -21.69
N CYS A 26 12.66 3.94 -21.72
CA CYS A 26 12.12 5.18 -21.22
C CYS A 26 12.29 6.36 -22.19
N TRP A 27 12.07 7.58 -21.67
CA TRP A 27 12.16 8.81 -22.47
C TRP A 27 13.51 9.45 -22.41
N ARG A 28 13.97 9.91 -23.56
CA ARG A 28 15.18 10.69 -23.62
C ARG A 28 14.73 12.15 -23.49
N SER A 29 15.54 12.98 -22.84
CA SER A 29 15.07 14.32 -22.49
C SER A 29 14.90 15.24 -23.71
N ASN A 30 15.82 15.13 -24.67
CA ASN A 30 15.93 16.10 -25.77
C ASN A 30 15.95 15.52 -27.16
N TYR A 31 15.51 16.36 -28.10
CA TYR A 31 15.64 16.07 -29.52
C TYR A 31 15.90 17.37 -30.32
N PRO A 32 16.96 17.40 -31.15
CA PRO A 32 17.99 16.39 -31.31
C PRO A 32 18.79 16.20 -30.07
N TYR A 33 19.41 15.04 -29.96
CA TYR A 33 20.09 14.67 -28.78
C TYR A 33 21.60 14.66 -28.97
N ASP A 34 22.26 15.51 -28.18
CA ASP A 34 23.67 15.83 -28.38
C ASP A 34 24.64 14.74 -27.92
N GLY A 35 24.12 13.55 -27.65
CA GLY A 35 24.90 12.48 -27.04
C GLY A 35 25.53 12.88 -25.71
N LYS A 36 25.25 14.11 -25.26
CA LYS A 36 26.03 14.70 -24.17
C LYS A 36 25.36 14.56 -22.78
N GLY A 37 24.37 13.68 -22.69
CA GLY A 37 23.49 13.64 -21.52
C GLY A 37 23.78 12.49 -20.57
N TYR A 38 23.50 12.72 -19.29
CA TYR A 38 23.73 11.73 -18.26
C TYR A 38 22.81 10.57 -18.56
N TRP A 39 23.17 9.38 -18.10
CA TRP A 39 22.29 8.23 -18.25
C TRP A 39 21.80 8.03 -19.69
N ASP A 40 22.70 8.20 -20.65
CA ASP A 40 22.41 8.04 -22.10
C ASP A 40 21.27 8.93 -22.59
N GLY A 41 21.18 10.14 -22.03
CA GLY A 41 20.14 11.11 -22.35
C GLY A 41 18.77 10.86 -21.73
N ASP A 42 18.68 9.97 -20.75
CA ASP A 42 17.37 9.68 -20.15
C ASP A 42 16.88 10.98 -19.42
N ALA A 43 15.67 11.43 -19.71
CA ALA A 43 15.09 12.54 -18.92
C ALA A 43 15.08 12.24 -17.42
N LEU A 44 15.32 13.25 -16.60
CA LEU A 44 14.95 13.27 -15.17
C LEU A 44 13.52 12.78 -14.98
N VAL A 45 13.17 12.35 -13.77
CA VAL A 45 11.87 11.71 -13.57
C VAL A 45 10.72 12.70 -13.84
N TRP A 46 10.98 14.00 -13.65
CA TRP A 46 10.03 15.05 -14.11
C TRP A 46 9.70 15.01 -15.59
N GLY A 47 10.75 14.98 -16.43
CA GLY A 47 10.53 14.73 -17.84
C GLY A 47 9.83 13.41 -18.15
N GLN A 48 10.28 12.33 -17.51
CA GLN A 48 9.59 11.02 -17.59
C GLN A 48 8.12 11.15 -17.32
N GLY A 49 7.79 11.87 -16.24
CA GLY A 49 6.35 12.00 -15.91
C GLY A 49 5.56 12.75 -16.97
N GLY A 50 6.21 13.69 -17.69
CA GLY A 50 5.51 14.40 -18.79
C GLY A 50 5.24 13.45 -19.99
N GLY A 51 6.20 12.57 -20.28
CA GLY A 51 6.04 11.54 -21.29
C GLY A 51 4.95 10.54 -20.89
N LEU A 52 4.99 10.12 -19.62
CA LEU A 52 3.99 9.19 -19.09
C LEU A 52 2.58 9.78 -19.17
N SER A 53 2.42 11.06 -18.81
CA SER A 53 1.12 11.76 -18.87
C SER A 53 0.58 11.82 -20.25
N ALA A 54 1.46 12.08 -21.21
CA ALA A 54 1.03 12.06 -22.61
C ALA A 54 0.50 10.62 -22.98
N PHE A 55 1.25 9.59 -22.64
CA PHE A 55 0.82 8.21 -22.83
C PHE A 55 -0.48 7.81 -22.10
N VAL A 56 -0.48 7.93 -20.77
CA VAL A 56 -1.73 7.68 -20.06
C VAL A 56 -2.84 8.51 -20.69
N ALA A 57 -2.59 9.77 -21.05
CA ALA A 57 -3.67 10.56 -21.60
C ALA A 57 -4.07 10.03 -22.98
N MET A 58 -3.07 9.63 -23.77
CA MET A 58 -3.37 8.97 -25.03
C MET A 58 -4.13 7.62 -24.91
N ARG A 59 -3.93 6.88 -23.82
CA ARG A 59 -4.70 5.64 -23.61
C ARG A 59 -6.20 5.94 -23.43
N ASP A 60 -6.50 7.11 -22.88
CA ASP A 60 -7.89 7.57 -22.73
C ASP A 60 -8.41 8.06 -24.07
N ALA A 61 -7.57 8.78 -24.80
CA ALA A 61 -8.00 9.41 -26.03
C ALA A 61 -8.34 8.33 -27.09
N THR A 62 -7.59 7.23 -27.11
CA THR A 62 -7.62 6.27 -28.22
C THR A 62 -8.59 5.07 -28.04
N LYS A 63 -9.19 4.93 -26.86
CA LYS A 63 -10.20 3.89 -26.64
C LYS A 63 -11.28 4.06 -27.68
N GLU A 64 -11.66 2.96 -28.35
CA GLU A 64 -12.69 2.95 -29.39
C GLU A 64 -12.23 3.62 -30.69
N SER A 65 -10.94 3.89 -30.80
CA SER A 65 -10.37 4.29 -32.06
C SER A 65 -9.72 3.07 -32.73
N GLU A 66 -9.39 3.23 -34.00
CA GLU A 66 -8.54 2.28 -34.69
C GLU A 66 -7.27 1.86 -33.94
N VAL A 67 -6.62 2.81 -33.25
CA VAL A 67 -5.28 2.54 -32.72
C VAL A 67 -5.24 2.19 -31.25
N GLU A 68 -6.41 1.92 -30.67
CA GLU A 68 -6.47 1.52 -29.25
C GLU A 68 -5.55 0.35 -28.90
N ASN A 69 -5.54 -0.70 -29.71
CA ASN A 69 -4.74 -1.87 -29.40
C ASN A 69 -3.28 -1.51 -29.45
N LEU A 70 -2.95 -0.55 -30.32
CA LEU A 70 -1.57 -0.11 -30.49
C LEU A 70 -1.03 0.55 -29.21
N TYR A 71 -1.82 1.45 -28.63
CA TYR A 71 -1.36 2.12 -27.42
C TYR A 71 -1.36 1.17 -26.24
N GLY A 72 -2.37 0.31 -26.16
CA GLY A 72 -2.46 -0.73 -25.09
C GLY A 72 -1.31 -1.72 -25.06
N ALA A 73 -0.84 -2.10 -26.26
CA ALA A 73 0.38 -2.89 -26.43
C ALA A 73 1.59 -2.19 -25.86
N MET A 74 1.54 -0.87 -25.71
CA MET A 74 2.72 -0.15 -25.20
C MET A 74 2.79 0.01 -23.67
N ASP A 75 1.83 -0.59 -22.97
CA ASP A 75 1.74 -0.43 -21.50
C ASP A 75 3.01 -0.93 -20.82
N ASP A 76 3.42 -2.14 -21.19
CA ASP A 76 4.50 -2.85 -20.47
C ASP A 76 5.80 -2.12 -20.59
N MET A 77 6.07 -1.60 -21.76
CA MET A 77 7.29 -0.86 -21.97
C MET A 77 7.29 0.54 -21.33
N MET A 78 6.15 1.24 -21.32
CA MET A 78 6.05 2.49 -20.53
C MET A 78 6.26 2.15 -19.08
N PHE A 79 5.64 1.05 -18.63
CA PHE A 79 5.70 0.70 -17.21
C PHE A 79 7.11 0.29 -16.80
N LYS A 80 7.73 -0.54 -17.61
CA LYS A 80 9.06 -1.00 -17.29
C LYS A 80 10.02 0.18 -17.05
N GLY A 81 9.97 1.18 -17.91
CA GLY A 81 10.95 2.24 -17.84
C GLY A 81 10.76 3.17 -16.66
N ILE A 82 9.51 3.55 -16.36
CA ILE A 82 9.31 4.45 -15.22
C ILE A 82 9.68 3.69 -13.93
N GLN A 83 9.53 2.37 -13.92
CA GLN A 83 9.91 1.58 -12.72
C GLN A 83 11.38 1.54 -12.41
N TYR A 84 12.22 1.87 -13.38
CA TYR A 84 13.64 1.92 -13.09
C TYR A 84 13.92 3.09 -12.17
N PHE A 85 13.02 4.08 -12.15
CA PHE A 85 13.23 5.28 -11.31
C PHE A 85 12.70 5.07 -9.89
N CYS A 86 11.99 3.96 -9.72
CA CYS A 86 11.44 3.58 -8.41
C CYS A 86 12.51 2.91 -7.55
N GLN A 87 12.98 3.65 -6.53
CA GLN A 87 14.20 3.26 -5.83
C GLN A 87 13.99 3.26 -4.33
N LEU A 88 14.44 2.18 -3.69
CA LEU A 88 14.58 2.17 -2.25
C LEU A 88 15.85 2.97 -1.93
N ASP A 89 15.75 3.99 -1.10
CA ASP A 89 16.90 4.81 -0.80
C ASP A 89 16.68 5.30 0.58
N ARG A 90 17.65 5.05 1.46
CA ARG A 90 17.56 5.51 2.85
C ARG A 90 16.39 4.79 3.54
N GLY A 91 16.06 3.59 3.04
CA GLY A 91 14.89 2.80 3.44
C GLY A 91 13.51 3.41 3.13
N ILE A 92 13.44 4.30 2.14
CA ILE A 92 12.13 4.81 1.69
C ILE A 92 12.01 4.51 0.21
N LEU A 93 10.89 3.91 -0.20
CA LEU A 93 10.66 3.63 -1.60
C LEU A 93 9.92 4.81 -2.22
N ALA A 94 10.54 5.42 -3.23
CA ALA A 94 9.89 6.51 -3.97
C ALA A 94 10.70 6.74 -5.30
N TYR A 95 10.15 7.59 -6.20
CA TYR A 95 10.75 7.77 -7.53
C TYR A 95 11.89 8.78 -7.51
N SER A 96 13.10 8.31 -7.78
CA SER A 96 14.27 9.21 -7.76
C SER A 96 14.33 9.97 -9.10
N CYS A 97 15.01 11.12 -9.12
CA CYS A 97 15.18 11.91 -10.39
C CYS A 97 15.96 11.17 -11.53
N TYR A 98 16.93 10.35 -11.15
CA TYR A 98 17.52 9.42 -12.11
C TYR A 98 17.31 8.01 -11.58
N PRO A 99 17.36 7.00 -12.48
CA PRO A 99 17.08 5.59 -12.17
C PRO A 99 18.13 4.86 -11.32
N ALA A 100 18.42 5.42 -10.15
CA ALA A 100 19.27 4.81 -9.18
C ALA A 100 19.12 5.60 -7.89
N ALA A 101 19.39 4.92 -6.79
CA ALA A 101 19.46 5.50 -5.47
C ALA A 101 20.70 6.35 -5.40
N GLY A 102 20.81 7.21 -4.41
CA GLY A 102 21.94 8.10 -4.29
C GLY A 102 21.72 9.34 -5.15
N ASN A 103 20.54 9.43 -5.79
CA ASN A 103 20.12 10.64 -6.52
C ASN A 103 19.22 11.59 -5.75
N GLU A 104 19.10 12.79 -6.27
CA GLU A 104 18.12 13.70 -5.72
C GLU A 104 16.73 13.09 -5.84
N ARG A 105 15.91 13.37 -4.82
CA ARG A 105 14.49 12.97 -4.84
C ARG A 105 13.59 14.06 -4.29
N PHE A 106 12.48 14.30 -4.99
CA PHE A 106 11.51 15.38 -4.65
C PHE A 106 10.08 14.84 -4.52
N TYR A 107 9.30 15.49 -3.68
CA TYR A 107 7.92 15.07 -3.47
C TYR A 107 7.12 15.40 -4.71
N ASP A 108 7.45 16.51 -5.37
CA ASP A 108 6.60 16.96 -6.47
C ASP A 108 6.85 16.05 -7.69
N ASP A 109 8.13 15.70 -7.92
CA ASP A 109 8.39 14.69 -8.92
C ASP A 109 7.42 13.53 -8.68
N ASN A 110 7.33 13.12 -7.45
CA ASN A 110 6.59 11.91 -7.20
C ASN A 110 5.09 11.99 -7.44
N VAL A 111 4.50 13.12 -7.02
CA VAL A 111 3.05 13.22 -7.09
C VAL A 111 2.57 13.20 -8.55
N TRP A 112 3.37 13.76 -9.47
CA TRP A 112 3.03 13.76 -10.89
C TRP A 112 3.03 12.28 -11.38
N ILE A 113 3.92 11.45 -10.82
CA ILE A 113 3.94 10.03 -11.17
C ILE A 113 2.78 9.28 -10.53
N GLY A 114 2.43 9.67 -9.29
CA GLY A 114 1.22 9.11 -8.64
C GLY A 114 -0.02 9.36 -9.46
N LEU A 115 -0.10 10.58 -9.99
CA LEU A 115 -1.25 11.03 -10.76
C LEU A 115 -1.42 10.22 -12.06
N ASP A 116 -0.32 10.07 -12.80
CA ASP A 116 -0.24 9.17 -13.94
C ASP A 116 -0.72 7.76 -13.56
N MET A 117 -0.20 7.21 -12.46
CA MET A 117 -0.49 5.80 -12.11
C MET A 117 -1.96 5.57 -11.79
N VAL A 118 -2.46 6.41 -10.89
CA VAL A 118 -3.87 6.28 -10.55
C VAL A 118 -4.80 6.37 -11.72
N ASP A 119 -4.65 7.36 -12.60
CA ASP A 119 -5.44 7.46 -13.83
C ASP A 119 -5.20 6.26 -14.80
N TRP A 120 -3.97 5.78 -14.86
CA TRP A 120 -3.58 4.59 -15.63
C TRP A 120 -4.33 3.35 -15.08
N TYR A 121 -4.40 3.30 -13.76
CA TYR A 121 -5.22 2.29 -13.14
C TYR A 121 -6.68 2.43 -13.55
N THR A 122 -7.18 3.66 -13.48
CA THR A 122 -8.52 3.97 -13.95
C THR A 122 -8.82 3.49 -15.39
N GLU A 123 -7.89 3.71 -16.31
CA GLU A 123 -8.08 3.30 -17.71
C GLU A 123 -8.07 1.79 -17.89
N THR A 124 -7.31 1.07 -17.06
CA THR A 124 -7.00 -0.33 -17.32
C THR A 124 -7.56 -1.29 -16.29
N LYS A 125 -7.80 -0.81 -15.09
CA LYS A 125 -8.04 -1.71 -13.95
C LYS A 125 -6.94 -2.76 -13.75
N GLU A 126 -5.72 -2.48 -14.20
CA GLU A 126 -4.56 -3.33 -13.81
C GLU A 126 -3.99 -2.90 -12.46
N MET A 127 -3.94 -3.84 -11.54
CA MET A 127 -3.60 -3.53 -10.17
C MET A 127 -2.22 -2.91 -10.01
N ARG A 128 -1.30 -3.24 -10.89
CA ARG A 128 0.07 -2.82 -10.63
C ARG A 128 0.21 -1.31 -10.61
N TYR A 129 -0.60 -0.63 -11.43
CA TYR A 129 -0.63 0.83 -11.45
C TYR A 129 -1.11 1.39 -10.12
N LEU A 130 -2.15 0.76 -9.56
CA LEU A 130 -2.67 1.30 -8.32
C LEU A 130 -1.70 1.04 -7.23
N THR A 131 -0.99 -0.08 -7.33
CA THR A 131 0.12 -0.35 -6.40
C THR A 131 1.23 0.71 -6.35
N GLN A 132 1.65 1.21 -7.51
CA GLN A 132 2.63 2.26 -7.60
C GLN A 132 2.10 3.66 -7.13
N ALA A 133 0.84 3.94 -7.47
CA ALA A 133 0.12 5.06 -6.90
C ALA A 133 0.09 5.04 -5.38
N LYS A 134 -0.20 3.89 -4.79
CA LYS A 134 -0.08 3.74 -3.30
C LYS A 134 1.33 3.97 -2.77
N VAL A 135 2.33 3.42 -3.45
CA VAL A 135 3.73 3.79 -3.14
C VAL A 135 4.00 5.31 -3.04
N VAL A 136 3.49 6.07 -4.02
CA VAL A 136 3.72 7.50 -4.10
C VAL A 136 2.90 8.15 -2.99
N TRP A 137 1.68 7.65 -2.80
CA TRP A 137 0.83 8.19 -1.77
C TRP A 137 1.50 8.21 -0.40
N ARG A 138 1.87 7.01 0.07
CA ARG A 138 2.55 6.85 1.40
C ARG A 138 3.73 7.79 1.55
N TYR A 139 4.47 7.96 0.49
CA TYR A 139 5.68 8.76 0.54
C TYR A 139 5.29 10.20 0.76
N LEU A 140 4.28 10.63 0.01
CA LEU A 140 3.68 11.95 0.18
C LEU A 140 3.15 12.22 1.59
N ILE A 141 2.42 11.26 2.12
CA ILE A 141 1.76 11.47 3.38
C ILE A 141 2.73 11.15 4.54
N ASP A 142 3.45 10.05 4.44
CA ASP A 142 4.36 9.70 5.53
C ASP A 142 5.64 10.58 5.58
N HIS A 143 6.08 11.12 4.44
CA HIS A 143 7.33 11.88 4.42
C HIS A 143 7.10 13.33 3.95
N GLY A 144 6.30 13.51 2.92
CA GLY A 144 6.02 14.84 2.37
C GLY A 144 5.33 15.73 3.40
N TRP A 145 4.24 15.24 3.99
CA TRP A 145 3.43 16.08 4.91
C TRP A 145 4.08 16.11 6.29
N ASP A 146 4.20 17.27 6.90
CA ASP A 146 4.42 17.28 8.36
C ASP A 146 3.85 18.57 8.88
N GLU A 147 4.03 18.83 10.17
CA GLU A 147 3.31 19.93 10.83
C GLU A 147 4.12 21.22 10.86
N THR A 148 5.34 21.20 10.32
CA THR A 148 6.08 22.43 10.14
C THR A 148 5.35 23.26 9.08
N CYS A 149 5.38 24.58 9.27
CA CYS A 149 4.74 25.54 8.35
C CYS A 149 3.24 25.49 8.48
N GLY A 150 2.75 25.00 9.63
CA GLY A 150 1.31 24.76 9.82
C GLY A 150 0.73 23.58 9.05
N GLY A 151 1.59 22.74 8.48
CA GLY A 151 1.13 21.64 7.63
C GLY A 151 1.68 21.74 6.23
N GLY A 152 1.10 20.99 5.31
CA GLY A 152 1.46 21.10 3.89
C GLY A 152 2.62 20.18 3.51
N VAL A 153 2.90 20.06 2.22
CA VAL A 153 3.90 19.12 1.67
C VAL A 153 5.24 19.78 1.27
N HIS A 154 6.33 19.21 1.79
CA HIS A 154 7.72 19.54 1.39
C HIS A 154 8.02 19.51 -0.13
N TRP A 155 9.24 19.92 -0.47
CA TRP A 155 9.74 19.89 -1.87
C TRP A 155 10.87 18.84 -2.14
N ARG A 156 12.06 19.05 -1.59
CA ARG A 156 13.11 18.09 -1.85
C ARG A 156 13.35 17.21 -0.63
N GLU A 157 13.43 15.91 -0.87
CA GLU A 157 13.77 14.95 0.20
C GLU A 157 15.28 14.71 0.24
N LEU A 158 15.85 14.32 -0.91
CA LEU A 158 17.28 14.04 -1.04
C LEU A 158 17.96 14.92 -2.10
N ASN A 159 19.25 15.24 -1.93
CA ASN A 159 20.05 14.68 -0.87
C ASN A 159 19.90 15.41 0.44
N GLU A 160 19.73 16.72 0.39
CA GLU A 160 19.50 17.49 1.58
C GLU A 160 18.01 17.86 1.60
N HIS A 161 17.31 17.44 2.65
CA HIS A 161 15.91 17.80 2.87
C HIS A 161 15.71 19.29 3.07
N THR A 162 14.79 19.88 2.29
CA THR A 162 14.44 21.29 2.47
C THR A 162 13.35 21.41 3.52
N THR A 163 13.02 22.63 3.93
CA THR A 163 12.12 22.84 5.05
C THR A 163 10.88 23.66 4.63
N SER A 164 10.78 24.07 3.36
CA SER A 164 9.71 24.98 2.92
C SER A 164 8.52 24.16 2.41
N LYS A 165 7.28 24.70 2.46
CA LYS A 165 6.13 23.91 2.01
C LYS A 165 5.66 24.46 0.66
N HIS A 166 5.38 23.60 -0.34
CA HIS A 166 5.25 24.07 -1.72
C HIS A 166 3.85 23.82 -2.22
N SER A 167 3.31 24.76 -3.00
CA SER A 167 2.09 24.52 -3.84
C SER A 167 2.25 23.36 -4.86
N CYS A 168 3.48 23.17 -5.31
CA CYS A 168 3.69 22.23 -6.41
C CYS A 168 3.65 20.82 -5.92
N SER A 169 3.78 20.68 -4.63
CA SER A 169 3.60 19.36 -4.05
C SER A 169 2.27 19.22 -3.31
N THR A 170 1.87 20.26 -2.60
CA THR A 170 0.65 20.19 -1.82
C THR A 170 -0.67 20.14 -2.65
N GLY A 171 -0.79 20.98 -3.69
CA GLY A 171 -1.99 21.08 -4.50
C GLY A 171 -2.24 19.78 -5.27
N PRO A 172 -1.18 19.23 -5.90
CA PRO A 172 -1.59 18.06 -6.65
C PRO A 172 -1.77 16.82 -5.74
N THR A 173 -1.22 16.83 -4.54
CA THR A 173 -1.55 15.77 -3.60
C THR A 173 -3.05 15.77 -3.23
N ALA A 174 -3.63 16.98 -3.15
CA ALA A 174 -5.09 17.15 -3.02
C ALA A 174 -5.77 16.51 -4.21
N VAL A 175 -5.31 16.83 -5.42
CA VAL A 175 -5.89 16.15 -6.60
C VAL A 175 -5.70 14.65 -6.52
N MET A 176 -4.50 14.19 -6.15
CA MET A 176 -4.27 12.73 -6.15
C MET A 176 -5.18 12.00 -5.14
N GLY A 177 -5.30 12.56 -3.95
CA GLY A 177 -6.19 11.95 -2.96
C GLY A 177 -7.62 11.75 -3.46
N CYS A 178 -8.18 12.80 -4.05
CA CYS A 178 -9.49 12.77 -4.73
C CYS A 178 -9.56 11.65 -5.76
N LYS A 179 -8.52 11.50 -6.60
CA LYS A 179 -8.59 10.41 -7.58
C LYS A 179 -8.45 9.02 -6.90
N MET A 180 -7.60 8.94 -5.89
CA MET A 180 -7.44 7.71 -5.09
C MET A 180 -8.76 7.37 -4.37
N TYR A 181 -9.39 8.37 -3.76
CA TYR A 181 -10.74 8.17 -3.21
C TYR A 181 -11.72 7.66 -4.27
N LEU A 182 -11.79 8.33 -5.39
CA LEU A 182 -12.70 7.88 -6.45
C LEU A 182 -12.31 6.46 -6.88
N ALA A 183 -11.05 6.09 -6.77
CA ALA A 183 -10.65 4.74 -7.29
C ALA A 183 -10.95 3.65 -6.26
N THR A 184 -10.93 4.02 -4.98
CA THR A 184 -10.95 3.03 -3.92
C THR A 184 -12.06 3.20 -2.89
N GLN A 185 -12.70 4.37 -2.86
CA GLN A 185 -13.58 4.77 -1.75
C GLN A 185 -13.03 4.61 -0.31
N GLU A 186 -11.71 4.54 -0.13
CA GLU A 186 -11.15 4.57 1.24
C GLU A 186 -11.10 5.97 1.71
N GLN A 187 -11.64 6.20 2.90
CA GLN A 187 -11.83 7.55 3.46
C GLN A 187 -10.51 8.30 3.66
N GLU A 188 -9.43 7.55 3.89
CA GLU A 188 -8.10 8.11 4.09
C GLU A 188 -7.74 9.11 3.01
N TYR A 189 -7.99 8.78 1.77
CA TYR A 189 -7.64 9.66 0.68
C TYR A 189 -8.43 10.97 0.66
N LEU A 190 -9.71 10.89 1.02
CA LEU A 190 -10.52 12.08 1.00
C LEU A 190 -10.13 13.01 2.16
N ASP A 191 -9.83 12.47 3.34
CA ASP A 191 -9.41 13.28 4.51
C ASP A 191 -8.13 14.03 4.19
N TRP A 192 -7.12 13.31 3.67
CA TRP A 192 -5.85 13.99 3.32
C TRP A 192 -5.96 15.02 2.19
N ALA A 193 -6.81 14.74 1.19
CA ALA A 193 -7.05 15.69 0.07
C ALA A 193 -7.65 17.01 0.56
N ILE A 194 -8.63 16.89 1.43
CA ILE A 194 -9.19 18.05 2.11
C ILE A 194 -8.10 18.74 2.92
N LYS A 195 -7.31 18.02 3.74
CA LYS A 195 -6.21 18.72 4.49
C LYS A 195 -5.26 19.45 3.50
N CYS A 196 -4.94 18.83 2.35
CA CYS A 196 -3.99 19.47 1.43
C CYS A 196 -4.61 20.74 0.81
N TYR A 197 -5.86 20.59 0.35
CA TYR A 197 -6.65 21.68 -0.21
C TYR A 197 -6.83 22.80 0.82
N ASP A 198 -7.23 22.47 2.05
CA ASP A 198 -7.39 23.54 3.04
C ASP A 198 -6.06 24.22 3.26
N TYR A 199 -4.93 23.50 3.17
CA TYR A 199 -3.63 24.10 3.40
C TYR A 199 -3.37 25.12 2.31
N MET A 200 -3.67 24.73 1.09
CA MET A 200 -3.55 25.62 -0.03
C MET A 200 -4.32 26.92 0.21
N LEU A 201 -5.62 26.83 0.46
CA LEU A 201 -6.45 28.03 0.61
C LEU A 201 -6.01 28.89 1.82
N ASP A 202 -5.55 28.23 2.88
CA ASP A 202 -5.33 28.87 4.19
C ASP A 202 -3.95 29.60 4.29
N VAL A 203 -2.94 29.04 3.66
CA VAL A 203 -1.54 29.56 3.74
C VAL A 203 -1.05 30.07 2.37
N LEU A 204 -1.42 29.39 1.29
CA LEU A 204 -0.67 29.62 0.06
C LEU A 204 -1.45 30.35 -1.05
N GLN A 205 -2.65 30.86 -0.68
CA GLN A 205 -3.52 31.55 -1.66
C GLN A 205 -3.53 33.04 -1.50
N ASP A 206 -3.40 33.75 -2.63
CA ASP A 206 -3.68 35.18 -2.67
C ASP A 206 -5.21 35.35 -2.73
N LYS A 207 -5.76 36.02 -1.70
CA LYS A 207 -7.22 36.24 -1.59
C LYS A 207 -7.72 37.38 -2.47
N SER A 208 -6.79 38.13 -3.04
CA SER A 208 -7.14 39.16 -4.00
C SER A 208 -7.63 38.56 -5.35
N ASP A 209 -7.09 37.42 -5.77
CA ASP A 209 -7.47 36.83 -7.07
C ASP A 209 -7.69 35.32 -6.99
N HIS A 210 -7.47 34.78 -5.81
CA HIS A 210 -7.65 33.35 -5.57
C HIS A 210 -6.56 32.47 -6.21
N LEU A 211 -5.50 33.10 -6.76
CA LEU A 211 -4.34 32.37 -7.32
C LEU A 211 -3.34 32.03 -6.23
N PHE A 212 -2.46 31.07 -6.53
CA PHE A 212 -1.62 30.43 -5.52
C PHE A 212 -0.16 30.78 -5.65
N TYR A 213 0.37 31.32 -4.54
CA TYR A 213 1.79 31.56 -4.39
C TYR A 213 2.61 30.26 -4.52
N ASP A 214 3.93 30.40 -4.45
CA ASP A 214 4.82 29.25 -4.72
C ASP A 214 5.14 28.35 -3.54
N ASN A 215 5.59 28.95 -2.42
CA ASN A 215 6.04 28.16 -1.24
C ASN A 215 6.05 29.05 -0.04
N VAL A 216 6.10 28.41 1.13
CA VAL A 216 6.14 29.14 2.41
C VAL A 216 7.28 28.51 3.18
N ARG A 217 7.95 29.34 3.96
CA ARG A 217 9.09 28.89 4.79
C ARG A 217 8.65 28.92 6.21
N PRO A 218 9.29 28.10 7.07
CA PRO A 218 8.85 28.03 8.47
C PRO A 218 8.93 29.41 9.19
N ASN A 219 8.02 29.69 10.13
CA ASN A 219 8.13 30.95 10.90
C ASN A 219 9.38 30.92 11.79
N LYS A 220 10.16 32.00 11.72
CA LYS A 220 11.40 32.10 12.51
C LYS A 220 11.20 31.86 14.01
N ASP A 221 10.20 32.51 14.60
CA ASP A 221 9.92 32.32 16.04
C ASP A 221 9.48 30.88 16.35
N ASP A 222 8.66 30.31 15.45
CA ASP A 222 8.02 29.02 15.68
C ASP A 222 7.89 28.21 14.38
N PRO A 223 8.71 27.17 14.21
CA PRO A 223 8.69 26.53 12.90
C PRO A 223 7.42 25.71 12.57
N ASN A 224 6.48 25.65 13.50
CA ASN A 224 5.25 24.96 13.21
C ASN A 224 4.22 25.88 12.66
N LEU A 225 4.59 27.14 12.44
CA LEU A 225 3.66 28.09 11.85
C LEU A 225 4.23 28.53 10.53
N PRO A 226 3.38 29.06 9.67
CA PRO A 226 3.85 29.54 8.42
C PRO A 226 4.56 30.88 8.54
N GLY A 227 5.65 31.03 7.80
CA GLY A 227 6.46 32.24 7.84
C GLY A 227 6.44 32.99 6.52
N ASP A 228 7.62 33.33 6.01
CA ASP A 228 7.71 34.06 4.76
C ASP A 228 7.22 33.27 3.52
N LEU A 229 6.54 34.02 2.66
CA LEU A 229 6.01 33.51 1.41
C LEU A 229 6.86 33.95 0.26
N GLU A 230 7.04 33.02 -0.69
CA GLU A 230 7.39 33.37 -2.07
C GLU A 230 6.16 33.41 -3.02
N LYS A 231 5.85 34.63 -3.47
CA LYS A 231 4.54 34.98 -4.03
C LYS A 231 4.61 34.94 -5.56
N ASN A 232 5.56 34.17 -6.11
CA ASN A 232 5.61 33.95 -7.55
C ASN A 232 4.39 33.10 -7.88
N LYS A 233 3.63 33.50 -8.89
CA LYS A 233 2.48 32.71 -9.35
C LYS A 233 2.71 31.99 -10.67
N TYR A 234 2.71 30.67 -10.60
CA TYR A 234 2.87 29.85 -11.78
C TYR A 234 1.59 29.05 -11.99
N SER A 235 1.24 28.92 -13.28
CA SER A 235 -0.10 28.48 -13.68
C SER A 235 -0.49 27.16 -13.03
N TYR A 236 0.46 26.22 -13.00
CA TYR A 236 0.20 24.87 -12.48
C TYR A 236 -0.10 24.83 -11.00
N ASN A 237 0.46 25.79 -10.27
CA ASN A 237 0.19 25.90 -8.84
C ASN A 237 -1.23 26.38 -8.55
N SER A 238 -1.87 26.99 -9.54
CA SER A 238 -3.29 27.38 -9.43
C SER A 238 -4.25 26.36 -10.09
N GLY A 239 -3.85 25.74 -11.21
CA GLY A 239 -4.78 24.82 -11.91
C GLY A 239 -4.98 23.55 -11.09
N GLN A 240 -3.98 23.16 -10.28
CA GLN A 240 -4.15 21.93 -9.51
C GLN A 240 -5.21 22.12 -8.36
N PRO A 241 -5.05 23.17 -7.57
CA PRO A 241 -6.18 23.49 -6.63
C PRO A 241 -7.53 23.66 -7.38
N LEU A 242 -7.53 24.34 -8.55
CA LEU A 242 -8.71 24.32 -9.42
C LEU A 242 -9.23 22.90 -9.62
N GLN A 243 -8.33 21.99 -10.06
CA GLN A 243 -8.71 20.56 -10.25
C GLN A 243 -9.17 19.92 -8.93
N ALA A 244 -8.44 20.17 -7.84
CA ALA A 244 -8.84 19.54 -6.60
C ALA A 244 -10.26 20.00 -6.19
N ALA A 245 -10.56 21.30 -6.34
CA ALA A 245 -11.91 21.90 -5.96
C ALA A 245 -13.02 21.22 -6.72
N CYS A 246 -12.81 21.06 -8.02
CA CYS A 246 -13.80 20.33 -8.85
C CYS A 246 -14.00 18.88 -8.40
N LEU A 247 -12.92 18.17 -8.14
CA LEU A 247 -13.00 16.75 -7.71
C LEU A 247 -13.72 16.64 -6.36
N LEU A 248 -13.43 17.62 -5.49
CA LEU A 248 -14.07 17.58 -4.16
C LEU A 248 -15.54 17.91 -4.20
N TYR A 249 -15.93 18.77 -5.16
CA TYR A 249 -17.35 18.99 -5.46
C TYR A 249 -18.03 17.69 -5.95
N LYS A 250 -17.39 16.99 -6.89
CA LYS A 250 -17.97 15.77 -7.46
C LYS A 250 -18.14 14.69 -6.37
N ILE A 251 -17.21 14.68 -5.39
CA ILE A 251 -17.17 13.64 -4.33
C ILE A 251 -18.13 14.05 -3.20
N THR A 252 -18.06 15.30 -2.73
CA THR A 252 -18.83 15.68 -1.54
C THR A 252 -20.16 16.35 -1.86
N GLY A 253 -20.27 16.94 -3.03
CA GLY A 253 -21.50 17.68 -3.34
C GLY A 253 -21.56 19.06 -2.68
N GLU A 254 -20.56 19.47 -1.89
CA GLU A 254 -20.64 20.77 -1.22
C GLU A 254 -20.36 21.94 -2.18
N GLN A 255 -21.31 22.86 -2.29
CA GLN A 255 -21.20 24.00 -3.21
C GLN A 255 -19.97 24.87 -2.97
N LYS A 256 -19.46 24.96 -1.73
CA LYS A 256 -18.27 25.78 -1.58
C LYS A 256 -17.11 25.35 -2.53
N TYR A 257 -16.96 24.05 -2.84
CA TYR A 257 -15.84 23.62 -3.68
C TYR A 257 -15.99 24.18 -5.09
N LEU A 258 -17.24 24.28 -5.51
CA LEU A 258 -17.49 24.66 -6.89
C LEU A 258 -17.46 26.19 -7.00
N ASP A 259 -17.87 26.88 -5.95
CA ASP A 259 -17.74 28.33 -5.97
C ASP A 259 -16.30 28.75 -6.03
N GLU A 260 -15.44 28.06 -5.31
CA GLU A 260 -14.00 28.32 -5.34
C GLU A 260 -13.42 28.01 -6.71
N ALA A 261 -13.76 26.84 -7.26
CA ALA A 261 -13.35 26.50 -8.62
C ALA A 261 -13.64 27.57 -9.63
N TYR A 262 -14.85 28.14 -9.60
CA TYR A 262 -15.18 29.17 -10.60
C TYR A 262 -14.21 30.35 -10.51
N ALA A 263 -13.95 30.78 -9.29
CA ALA A 263 -13.07 31.91 -8.99
C ALA A 263 -11.60 31.68 -9.38
N ILE A 264 -11.09 30.48 -9.16
CA ILE A 264 -9.67 30.23 -9.52
C ILE A 264 -9.58 30.15 -11.07
N ALA A 265 -10.58 29.49 -11.66
CA ALA A 265 -10.70 29.35 -13.14
C ALA A 265 -10.74 30.73 -13.84
N GLU A 266 -11.68 31.61 -13.45
CA GLU A 266 -11.73 32.99 -13.98
C GLU A 266 -10.35 33.63 -13.90
N SER A 267 -9.74 33.62 -12.73
CA SER A 267 -8.40 34.24 -12.66
C SER A 267 -7.32 33.50 -13.44
N CYS A 268 -7.34 32.17 -13.48
CA CYS A 268 -6.31 31.49 -14.26
C CYS A 268 -6.51 32.00 -15.67
N HIS A 269 -7.77 32.14 -16.07
CA HIS A 269 -8.05 32.46 -17.48
C HIS A 269 -7.64 33.88 -17.83
N LYS A 270 -7.88 34.82 -16.92
CA LYS A 270 -7.45 36.17 -17.21
C LYS A 270 -5.93 36.27 -17.23
N LYS A 271 -5.24 35.46 -16.45
CA LYS A 271 -3.76 35.64 -16.33
C LYS A 271 -3.04 34.92 -17.44
N TRP A 272 -3.41 33.71 -17.72
CA TRP A 272 -2.47 32.91 -18.50
C TRP A 272 -2.91 32.73 -19.95
N PHE A 273 -3.95 33.45 -20.35
CA PHE A 273 -4.36 33.45 -21.74
C PHE A 273 -4.33 34.94 -22.14
N MET A 274 -4.19 35.20 -23.44
CA MET A 274 -4.13 36.59 -23.91
C MET A 274 -4.92 36.77 -25.18
N PRO A 275 -5.44 37.99 -25.42
CA PRO A 275 -6.23 38.11 -26.65
C PRO A 275 -5.35 37.87 -27.87
N TYR A 276 -5.88 37.19 -28.88
CA TYR A 276 -5.09 36.82 -30.06
C TYR A 276 -6.04 36.70 -31.25
N ARG A 277 -5.62 37.25 -32.38
CA ARG A 277 -6.25 36.99 -33.67
C ARG A 277 -5.47 35.96 -34.48
N SER A 278 -6.11 34.87 -34.90
CA SER A 278 -5.44 33.86 -35.76
C SER A 278 -5.73 34.08 -37.23
N LYS A 279 -4.68 34.25 -38.03
CA LYS A 279 -4.86 34.39 -39.48
C LYS A 279 -5.31 33.05 -40.07
N GLU A 280 -4.68 31.96 -39.65
CA GLU A 280 -4.97 30.63 -40.18
C GLU A 280 -6.34 30.11 -39.76
N LEU A 281 -6.84 30.58 -38.63
CA LEU A 281 -8.19 30.17 -38.22
C LEU A 281 -9.20 31.29 -38.50
N ASN A 282 -8.71 32.46 -38.87
CA ASN A 282 -9.63 33.56 -39.08
C ASN A 282 -10.56 33.75 -37.86
N LEU A 283 -9.96 33.77 -36.67
CA LEU A 283 -10.69 33.90 -35.40
C LEU A 283 -9.92 34.76 -34.41
N THR A 284 -10.65 35.55 -33.65
CA THR A 284 -10.16 36.07 -32.39
C THR A 284 -10.59 35.18 -31.25
N PHE A 285 -9.61 34.79 -30.42
CA PHE A 285 -9.91 34.09 -29.17
C PHE A 285 -8.82 34.51 -28.16
N ASN A 286 -8.85 33.98 -26.92
CA ASN A 286 -7.70 34.04 -26.01
C ASN A 286 -6.81 32.81 -26.09
N ILE A 287 -5.59 33.01 -26.61
CA ILE A 287 -4.61 31.94 -26.76
C ILE A 287 -3.85 31.75 -25.47
N LEU A 288 -3.48 30.49 -25.18
CA LEU A 288 -2.57 30.20 -24.09
C LEU A 288 -1.28 30.96 -24.34
N ALA A 289 -0.91 31.78 -23.38
CA ALA A 289 0.17 32.71 -23.66
C ALA A 289 1.56 32.08 -23.59
N PRO A 290 2.52 32.66 -24.33
CA PRO A 290 3.91 32.22 -24.36
C PRO A 290 4.34 31.91 -22.95
N GLY A 291 4.77 30.69 -22.71
CA GLY A 291 5.20 30.36 -21.37
C GLY A 291 5.72 28.96 -21.31
N HIS A 292 5.75 28.41 -20.12
CA HIS A 292 6.18 27.06 -19.84
C HIS A 292 5.02 26.11 -20.17
N ALA A 293 5.22 25.22 -21.14
CA ALA A 293 4.09 24.50 -21.71
C ALA A 293 3.61 23.49 -20.69
N TRP A 294 4.52 22.90 -19.94
CA TRP A 294 4.11 21.84 -19.04
C TRP A 294 3.38 22.40 -17.84
N PHE A 295 3.85 23.55 -17.31
CA PHE A 295 3.09 24.22 -16.27
C PHE A 295 1.70 24.39 -16.80
N ASN A 296 1.60 24.91 -18.00
CA ASN A 296 0.28 25.29 -18.53
C ASN A 296 -0.65 24.11 -18.75
N THR A 297 -0.09 22.96 -19.19
CA THR A 297 -0.88 21.74 -19.46
C THR A 297 -1.47 21.25 -18.13
N ILE A 298 -0.63 21.31 -17.11
CA ILE A 298 -0.99 20.90 -15.79
C ILE A 298 -2.06 21.89 -15.30
N MET A 299 -1.90 23.17 -15.63
CA MET A 299 -2.98 24.14 -15.28
C MET A 299 -4.32 23.73 -15.91
N CYS A 300 -4.26 23.49 -17.25
CA CYS A 300 -5.45 23.05 -18.08
C CYS A 300 -6.22 21.84 -17.57
N ARG A 301 -5.55 20.90 -16.90
CA ARG A 301 -6.29 19.81 -16.18
C ARG A 301 -7.47 20.38 -15.36
N GLY A 302 -7.25 21.53 -14.76
CA GLY A 302 -8.28 22.10 -13.86
C GLY A 302 -9.48 22.52 -14.65
N PHE A 303 -9.22 23.16 -15.78
CA PHE A 303 -10.31 23.47 -16.77
C PHE A 303 -11.14 22.31 -17.36
N PHE A 304 -10.45 21.21 -17.63
CA PHE A 304 -11.13 20.01 -18.16
C PHE A 304 -11.95 19.38 -17.07
N GLU A 305 -11.42 19.35 -15.84
CA GLU A 305 -12.24 18.86 -14.73
C GLU A 305 -13.52 19.74 -14.58
N LEU A 306 -13.36 21.05 -14.73
CA LEU A 306 -14.51 21.93 -14.38
C LEU A 306 -15.62 21.86 -15.42
N TYR A 307 -15.17 21.77 -16.66
CA TYR A 307 -16.04 21.63 -17.76
C TYR A 307 -16.88 20.37 -17.58
N SER A 308 -16.29 19.27 -17.09
CA SER A 308 -17.03 18.05 -16.82
C SER A 308 -18.16 18.24 -15.82
N ILE A 309 -18.11 19.30 -15.02
CA ILE A 309 -19.16 19.55 -14.02
C ILE A 309 -20.25 20.49 -14.53
N ASP A 310 -19.87 21.63 -15.11
CA ASP A 310 -20.85 22.67 -15.44
C ASP A 310 -21.18 22.82 -16.93
N ASN A 311 -20.49 22.08 -17.78
CA ASN A 311 -20.78 22.08 -19.21
C ASN A 311 -20.67 23.49 -19.84
N ASP A 312 -19.94 24.38 -19.20
CA ASP A 312 -19.71 25.70 -19.75
C ASP A 312 -18.35 25.62 -20.47
N ARG A 313 -18.42 25.75 -21.79
CA ARG A 313 -17.33 25.36 -22.64
C ARG A 313 -16.42 26.56 -23.01
N LYS A 314 -16.64 27.68 -22.34
CA LYS A 314 -15.94 28.90 -22.71
C LYS A 314 -14.42 28.80 -22.48
N TYR A 315 -13.93 28.06 -21.47
CA TYR A 315 -12.46 28.00 -21.36
C TYR A 315 -11.87 26.99 -22.32
N ILE A 316 -12.47 25.81 -22.40
CA ILE A 316 -12.04 24.78 -23.34
C ILE A 316 -12.01 25.27 -24.80
N ASP A 317 -13.01 26.04 -25.21
CA ASP A 317 -12.99 26.78 -26.50
C ASP A 317 -11.66 27.50 -26.74
N ASP A 318 -11.19 28.25 -25.75
CA ASP A 318 -9.89 28.92 -25.93
C ASP A 318 -8.70 27.96 -26.04
N ILE A 319 -8.65 26.99 -25.13
CA ILE A 319 -7.62 25.93 -25.18
C ILE A 319 -7.69 25.16 -26.54
N GLU A 320 -8.91 24.87 -27.01
CA GLU A 320 -9.05 24.16 -28.26
C GLU A 320 -8.54 24.98 -29.43
N LYS A 321 -9.01 26.24 -29.52
CA LYS A 321 -8.53 27.20 -30.52
C LYS A 321 -7.02 27.41 -30.47
N SER A 322 -6.48 27.49 -29.25
CA SER A 322 -5.02 27.56 -29.05
C SER A 322 -4.29 26.42 -29.78
N MET A 323 -4.77 25.19 -29.61
CA MET A 323 -4.04 23.99 -30.10
C MET A 323 -4.31 23.69 -31.60
N ILE A 324 -5.55 23.96 -32.05
CA ILE A 324 -5.80 24.00 -33.49
C ILE A 324 -4.96 25.09 -34.15
N HIS A 325 -4.94 26.30 -33.57
CA HIS A 325 -4.03 27.32 -34.13
C HIS A 325 -2.59 26.86 -34.19
N ALA A 326 -2.09 26.25 -33.12
CA ALA A 326 -0.68 25.94 -33.06
C ALA A 326 -0.29 24.88 -34.12
N TRP A 327 -1.20 23.93 -34.32
CA TRP A 327 -0.96 22.83 -35.26
C TRP A 327 -0.88 23.35 -36.69
N SER A 328 -1.80 24.24 -36.99
CA SER A 328 -2.03 24.75 -38.31
C SER A 328 -1.18 26.02 -38.67
N SER A 329 -0.26 26.43 -37.78
CA SER A 329 0.55 27.65 -38.01
C SER A 329 2.07 27.41 -38.06
N SER A 330 2.88 28.46 -37.99
CA SER A 330 4.34 28.27 -37.92
C SER A 330 4.86 27.71 -36.59
N CYS A 331 3.97 27.52 -35.62
CA CYS A 331 4.34 26.78 -34.40
C CYS A 331 4.70 25.32 -34.74
N HIS A 332 3.93 24.72 -35.65
CA HIS A 332 4.17 23.34 -36.08
C HIS A 332 5.41 23.28 -36.96
N GLN A 333 6.49 22.67 -36.47
CA GLN A 333 7.72 22.49 -37.27
C GLN A 333 7.55 21.39 -38.31
N GLY A 334 8.42 21.41 -39.31
CA GLY A 334 8.50 20.34 -40.29
C GLY A 334 8.82 18.97 -39.72
N ASN A 335 9.55 18.91 -38.61
CA ASN A 335 9.82 17.60 -37.97
C ASN A 335 8.61 17.10 -37.19
N ASN A 336 7.46 17.69 -37.46
CA ASN A 336 6.23 17.36 -36.75
C ASN A 336 5.98 17.87 -35.29
N LEU A 337 6.98 18.48 -34.63
CA LEU A 337 6.81 18.95 -33.25
C LEU A 337 6.35 20.40 -33.25
N LEU A 338 6.22 20.97 -32.05
CA LEU A 338 5.62 22.31 -31.86
C LEU A 338 6.58 23.11 -31.02
N ASN A 339 6.69 24.39 -31.33
CA ASN A 339 7.49 25.34 -30.54
C ASN A 339 6.72 25.78 -29.28
N ASP A 340 6.97 25.08 -28.18
CA ASP A 340 6.09 25.05 -27.02
C ASP A 340 6.29 26.33 -26.22
N ASP A 341 7.27 27.14 -26.64
CA ASP A 341 7.50 28.42 -26.00
C ASP A 341 6.43 29.46 -26.39
N ASP A 342 5.69 29.23 -27.47
CA ASP A 342 4.84 30.28 -28.08
C ASP A 342 3.94 29.63 -29.11
N LEU A 343 2.71 29.37 -28.71
CA LEU A 343 1.77 28.67 -29.54
C LEU A 343 1.22 29.56 -30.70
N ARG A 344 1.38 30.89 -30.60
CA ARG A 344 1.02 31.82 -31.67
C ARG A 344 1.83 31.57 -32.92
N GLY A 345 3.00 30.95 -32.76
CA GLY A 345 3.89 30.61 -33.86
C GLY A 345 4.81 31.80 -34.05
N GLY A 346 5.90 31.63 -34.77
CA GLY A 346 6.76 32.75 -35.07
C GLY A 346 8.03 32.87 -34.24
N THR A 347 8.29 31.90 -33.37
CA THR A 347 9.61 31.82 -32.76
C THR A 347 10.38 30.72 -33.47
N THR A 348 11.65 30.65 -33.15
CA THR A 348 12.57 29.68 -33.75
C THR A 348 13.15 28.82 -32.63
N LYS A 349 13.02 27.52 -32.77
CA LYS A 349 13.68 26.57 -31.89
C LYS A 349 14.52 25.61 -32.73
N THR A 350 15.54 25.03 -32.10
CA THR A 350 16.34 23.99 -32.73
C THR A 350 16.49 22.77 -31.82
N GLY A 351 15.86 22.81 -30.65
CA GLY A 351 15.91 21.71 -29.70
C GLY A 351 14.55 21.69 -29.02
N TRP A 352 13.99 20.49 -28.80
CA TRP A 352 12.68 20.35 -28.13
C TRP A 352 12.80 19.32 -27.00
N GLU A 353 12.25 19.64 -25.84
CA GLU A 353 12.40 18.79 -24.64
C GLU A 353 11.18 17.88 -24.46
N ILE A 354 11.38 16.63 -24.03
CA ILE A 354 10.22 15.77 -23.80
C ILE A 354 9.17 16.35 -22.78
N LEU A 355 9.65 17.08 -21.77
CA LEU A 355 8.72 17.54 -20.76
C LEU A 355 7.60 18.33 -21.44
N HIS A 356 7.97 19.23 -22.35
CA HIS A 356 7.04 20.14 -22.96
C HIS A 356 6.25 19.57 -24.11
N GLN A 357 6.91 18.74 -24.91
CA GLN A 357 6.25 17.98 -25.97
C GLN A 357 5.21 17.01 -25.44
N GLY A 358 5.54 16.24 -24.39
CA GLY A 358 4.52 15.40 -23.76
C GLY A 358 3.39 16.29 -23.23
N ALA A 359 3.75 17.42 -22.68
CA ALA A 359 2.74 18.36 -22.20
C ALA A 359 1.71 18.76 -23.31
N LEU A 360 2.19 19.06 -24.51
CA LEU A 360 1.30 19.54 -25.52
C LEU A 360 0.56 18.37 -26.09
N VAL A 361 1.22 17.19 -26.12
CA VAL A 361 0.56 15.95 -26.59
C VAL A 361 -0.60 15.58 -25.68
N GLU A 362 -0.38 15.70 -24.35
CA GLU A 362 -1.54 15.51 -23.41
C GLU A 362 -2.78 16.39 -23.74
N LEU A 363 -2.54 17.68 -24.02
CA LEU A 363 -3.62 18.60 -24.46
C LEU A 363 -4.36 18.15 -25.74
N TYR A 364 -3.62 17.71 -26.77
CA TYR A 364 -4.31 17.10 -27.93
C TYR A 364 -5.06 15.84 -27.57
N ALA A 365 -4.48 15.03 -26.67
CA ALA A 365 -5.12 13.78 -26.21
C ALA A 365 -6.44 14.06 -25.51
N ARG A 366 -6.48 15.06 -24.61
CA ARG A 366 -7.75 15.49 -23.98
C ARG A 366 -8.79 16.08 -24.90
N LEU A 367 -8.35 16.86 -25.88
CA LEU A 367 -9.27 17.37 -26.92
C LEU A 367 -9.86 16.21 -27.74
N ALA A 368 -9.03 15.20 -28.03
CA ALA A 368 -9.45 13.95 -28.68
C ALA A 368 -10.55 13.22 -27.88
N VAL A 369 -10.38 13.14 -26.56
CA VAL A 369 -11.50 12.64 -25.71
C VAL A 369 -12.80 13.38 -25.85
N LEU A 370 -12.74 14.72 -25.81
CA LEU A 370 -13.97 15.50 -25.84
C LEU A 370 -14.66 15.28 -27.19
N GLU A 371 -13.85 15.05 -28.21
CA GLU A 371 -14.40 14.82 -29.55
C GLU A 371 -15.10 13.47 -29.63
N ARG A 372 -14.50 12.45 -29.01
CA ARG A 372 -15.21 11.18 -28.81
C ARG A 372 -16.57 11.33 -28.13
N GLU A 373 -16.64 12.17 -27.11
CA GLU A 373 -17.91 12.39 -26.39
C GLU A 373 -18.76 13.41 -27.11
N ASN A 374 -18.27 13.88 -28.25
CA ASN A 374 -18.89 15.01 -28.93
C ASN A 374 -19.25 16.09 -27.96
N ARG A 375 -18.31 16.35 -27.05
CA ARG A 375 -18.36 17.49 -26.15
C ARG A 375 -17.31 18.48 -26.55
N SER B 1 11.65 -38.96 5.90
CA SER B 1 10.50 -38.52 5.52
C SER B 1 9.25 -38.49 6.40
N HIS B 2 9.33 -39.04 7.60
CA HIS B 2 8.11 -39.30 8.38
C HIS B 2 7.33 -38.03 8.77
N MET B 3 8.04 -36.95 9.13
CA MET B 3 7.39 -35.68 9.44
C MET B 3 6.59 -35.11 8.25
N ALA B 4 7.17 -35.16 7.04
CA ALA B 4 6.46 -34.67 5.83
C ALA B 4 5.16 -35.43 5.70
N ASP B 5 5.23 -36.74 5.96
CA ASP B 5 4.08 -37.64 5.82
C ASP B 5 2.91 -37.34 6.74
N ARG B 6 3.21 -37.13 8.02
CA ARG B 6 2.18 -36.83 9.02
C ARG B 6 1.43 -35.55 8.65
N ALA B 7 2.20 -34.54 8.26
CA ALA B 7 1.65 -33.25 7.89
C ALA B 7 0.75 -33.36 6.68
N HIS B 8 1.22 -34.04 5.64
CA HIS B 8 0.41 -34.15 4.41
C HIS B 8 -0.84 -35.02 4.63
N SER B 9 -0.71 -36.05 5.44
CA SER B 9 -1.84 -36.89 5.87
C SER B 9 -2.91 -36.08 6.63
N TYR B 10 -2.46 -35.26 7.56
CA TYR B 10 -3.32 -34.49 8.44
C TYR B 10 -3.98 -33.37 7.65
N MET B 11 -3.23 -32.67 6.81
CA MET B 11 -3.78 -31.57 6.04
C MET B 11 -4.70 -32.03 4.93
N THR B 12 -4.37 -33.16 4.30
CA THR B 12 -5.35 -33.80 3.40
C THR B 12 -6.70 -34.01 4.11
N SER B 13 -6.67 -34.64 5.30
CA SER B 13 -7.93 -34.90 5.99
C SER B 13 -8.61 -33.60 6.28
N VAL B 14 -7.83 -32.60 6.70
CA VAL B 14 -8.40 -31.30 7.08
C VAL B 14 -9.09 -30.63 5.87
N ILE B 15 -8.40 -30.61 4.74
CA ILE B 15 -9.00 -29.97 3.56
C ILE B 15 -10.30 -30.70 3.26
N GLY B 16 -10.24 -32.02 3.30
CA GLY B 16 -11.44 -32.86 3.03
C GLY B 16 -12.61 -32.48 3.92
N TYR B 17 -12.35 -32.38 5.23
CA TYR B 17 -13.43 -32.20 6.18
C TYR B 17 -13.98 -30.76 6.20
N TYR B 18 -13.13 -29.77 5.89
CA TYR B 18 -13.45 -28.37 6.22
C TYR B 18 -13.45 -27.39 5.03
N PHE B 19 -12.78 -27.75 3.95
CA PHE B 19 -12.57 -26.79 2.90
C PHE B 19 -13.61 -26.90 1.77
N GLY B 20 -14.05 -25.75 1.28
CA GLY B 20 -14.81 -25.66 0.03
C GLY B 20 -16.24 -26.17 0.12
N LYS B 21 -16.88 -25.95 1.26
CA LYS B 21 -18.19 -26.49 1.52
C LYS B 21 -19.24 -25.43 1.35
N SER B 22 -18.84 -24.22 1.01
CA SER B 22 -19.84 -23.20 0.70
C SER B 22 -19.50 -22.73 -0.70
N SER B 23 -20.15 -21.67 -1.14
CA SER B 23 -19.80 -21.05 -2.42
C SER B 23 -18.51 -20.21 -2.33
N ARG B 24 -18.07 -19.90 -1.11
CA ARG B 24 -16.99 -18.92 -0.91
C ARG B 24 -15.58 -19.49 -0.72
N SER B 25 -15.33 -20.70 -1.24
CA SER B 25 -13.97 -21.28 -1.36
C SER B 25 -13.08 -21.21 -0.11
N CYS B 26 -13.72 -21.42 1.04
CA CYS B 26 -13.10 -21.16 2.33
C CYS B 26 -13.31 -22.30 3.34
N TRP B 27 -13.03 -21.99 4.61
CA TRP B 27 -13.10 -22.96 5.70
C TRP B 27 -14.44 -22.92 6.39
N ARG B 28 -14.96 -24.11 6.66
CA ARG B 28 -16.09 -24.24 7.57
C ARG B 28 -15.48 -24.39 8.96
N SER B 29 -16.20 -23.89 9.98
CA SER B 29 -15.65 -23.77 11.33
C SER B 29 -15.53 -25.10 12.06
N ASN B 30 -16.50 -25.99 11.83
CA ASN B 30 -16.61 -27.20 12.65
C ASN B 30 -16.85 -28.47 11.86
N TYR B 31 -16.26 -29.56 12.35
CA TYR B 31 -16.57 -30.89 11.85
C TYR B 31 -16.85 -31.85 13.03
N PRO B 32 -17.94 -32.65 12.95
CA PRO B 32 -18.99 -32.63 11.94
C PRO B 32 -19.72 -31.32 12.00
N TYR B 33 -20.24 -30.91 10.86
CA TYR B 33 -20.97 -29.70 10.78
C TYR B 33 -22.44 -30.00 10.94
N ASP B 34 -23.14 -29.15 11.69
CA ASP B 34 -24.53 -29.38 12.09
C ASP B 34 -25.54 -28.66 11.20
N GLY B 35 -25.10 -28.06 10.10
CA GLY B 35 -25.98 -27.23 9.27
C GLY B 35 -26.52 -26.01 9.99
N LYS B 36 -26.07 -25.78 11.21
CA LYS B 36 -26.72 -24.79 12.08
C LYS B 36 -26.01 -23.45 12.08
N GLY B 37 -25.16 -23.20 11.08
CA GLY B 37 -24.19 -22.11 11.16
C GLY B 37 -24.47 -20.94 10.24
N TYR B 38 -23.98 -19.76 10.61
CA TYR B 38 -24.15 -18.58 9.78
C TYR B 38 -23.31 -18.76 8.54
N TRP B 39 -23.72 -18.13 7.46
CA TRP B 39 -22.91 -18.10 6.26
C TRP B 39 -22.50 -19.51 5.91
N ASP B 40 -23.43 -20.44 6.10
CA ASP B 40 -23.25 -21.83 5.62
C ASP B 40 -22.11 -22.60 6.32
N GLY B 41 -21.82 -22.26 7.58
CA GLY B 41 -20.72 -22.92 8.34
C GLY B 41 -19.32 -22.30 8.20
N ASP B 42 -19.24 -21.20 7.46
CA ASP B 42 -17.95 -20.54 7.21
C ASP B 42 -17.37 -20.08 8.58
N ALA B 43 -16.15 -20.49 8.90
CA ALA B 43 -15.47 -19.90 10.08
C ALA B 43 -15.48 -18.37 10.05
N LEU B 44 -15.64 -17.76 11.22
CA LEU B 44 -15.16 -16.37 11.49
C LEU B 44 -13.75 -16.20 10.94
N VAL B 45 -13.34 -14.95 10.61
CA VAL B 45 -12.04 -14.74 9.94
C VAL B 45 -10.87 -15.20 10.83
N TRP B 46 -11.10 -15.27 12.14
CA TRP B 46 -10.10 -15.88 13.07
C TRP B 46 -9.84 -17.34 12.70
N GLY B 47 -10.92 -18.13 12.70
CA GLY B 47 -10.89 -19.49 12.18
C GLY B 47 -10.32 -19.57 10.77
N GLN B 48 -10.71 -18.65 9.91
CA GLN B 48 -10.15 -18.62 8.53
C GLN B 48 -8.63 -18.52 8.53
N GLY B 49 -8.13 -17.63 9.38
CA GLY B 49 -6.68 -17.43 9.39
C GLY B 49 -5.98 -18.61 10.04
N GLY B 50 -6.68 -19.39 10.85
CA GLY B 50 -6.11 -20.65 11.35
C GLY B 50 -5.89 -21.66 10.21
N GLY B 51 -6.91 -21.82 9.37
CA GLY B 51 -6.80 -22.66 8.18
C GLY B 51 -5.73 -22.19 7.18
N LEU B 52 -5.69 -20.88 6.95
CA LEU B 52 -4.72 -20.25 6.02
C LEU B 52 -3.29 -20.41 6.52
N SER B 53 -3.11 -20.20 7.83
CA SER B 53 -1.82 -20.48 8.51
C SER B 53 -1.30 -21.87 8.30
N ALA B 54 -2.17 -22.88 8.42
CA ALA B 54 -1.74 -24.27 8.18
C ALA B 54 -1.33 -24.48 6.68
N PHE B 55 -2.13 -23.92 5.79
CA PHE B 55 -1.83 -23.92 4.35
C PHE B 55 -0.53 -23.21 3.96
N VAL B 56 -0.37 -21.97 4.41
CA VAL B 56 0.86 -21.26 4.13
C VAL B 56 2.04 -22.01 4.71
N ALA B 57 1.87 -22.58 5.92
CA ALA B 57 2.96 -23.31 6.55
C ALA B 57 3.16 -24.60 5.76
N MET B 58 2.07 -25.17 5.25
CA MET B 58 2.20 -26.34 4.35
C MET B 58 2.93 -26.03 3.05
N ARG B 59 2.77 -24.83 2.49
CA ARG B 59 3.50 -24.51 1.26
C ARG B 59 5.02 -24.53 1.47
N ASP B 60 5.43 -24.22 2.68
CA ASP B 60 6.85 -24.15 3.00
C ASP B 60 7.32 -25.52 3.36
N ALA B 61 6.46 -26.26 4.04
CA ALA B 61 6.74 -27.65 4.37
C ALA B 61 6.95 -28.51 3.10
N THR B 62 6.23 -28.23 2.03
CA THR B 62 6.21 -29.15 0.90
C THR B 62 7.13 -28.79 -0.27
N LYS B 63 7.73 -27.60 -0.23
CA LYS B 63 8.80 -27.25 -1.17
C LYS B 63 9.76 -28.41 -1.26
N GLU B 64 10.08 -28.81 -2.48
CA GLU B 64 11.09 -29.85 -2.74
C GLU B 64 10.57 -31.25 -2.47
N SER B 65 9.28 -31.35 -2.15
CA SER B 65 8.68 -32.65 -1.97
C SER B 65 7.93 -32.98 -3.26
N GLU B 66 7.48 -34.22 -3.36
CA GLU B 66 6.58 -34.66 -4.43
C GLU B 66 5.25 -33.91 -4.48
N VAL B 67 4.72 -33.54 -3.32
CA VAL B 67 3.43 -32.84 -3.26
C VAL B 67 3.54 -31.31 -3.33
N GLU B 68 4.73 -30.80 -3.64
CA GLU B 68 4.97 -29.36 -3.75
C GLU B 68 3.99 -28.72 -4.72
N ASN B 69 3.82 -29.35 -5.88
CA ASN B 69 2.91 -28.86 -6.90
C ASN B 69 1.47 -28.95 -6.42
N LEU B 70 1.18 -30.00 -5.68
CA LEU B 70 -0.17 -30.23 -5.26
C LEU B 70 -0.64 -29.04 -4.46
N TYR B 71 0.16 -28.63 -3.48
CA TYR B 71 -0.27 -27.52 -2.62
C TYR B 71 -0.23 -26.18 -3.35
N GLY B 72 0.78 -26.01 -4.19
CA GLY B 72 0.87 -24.83 -5.09
C GLY B 72 -0.39 -24.54 -5.88
N ALA B 73 -0.97 -25.58 -6.47
CA ALA B 73 -2.21 -25.45 -7.27
C ALA B 73 -3.38 -24.98 -6.40
N MET B 74 -3.26 -25.15 -5.09
CA MET B 74 -4.31 -24.67 -4.19
C MET B 74 -4.21 -23.17 -3.83
N ASP B 75 -3.18 -22.49 -4.33
CA ASP B 75 -2.98 -21.08 -3.96
C ASP B 75 -4.23 -20.27 -4.23
N ASP B 76 -4.78 -20.43 -5.44
CA ASP B 76 -5.80 -19.54 -5.98
C ASP B 76 -7.08 -19.61 -5.21
N MET B 77 -7.46 -20.82 -4.85
CA MET B 77 -8.69 -21.04 -4.13
C MET B 77 -8.57 -20.63 -2.66
N MET B 78 -7.41 -20.88 -2.05
CA MET B 78 -7.15 -20.39 -0.69
C MET B 78 -7.28 -18.89 -0.76
N PHE B 79 -6.69 -18.29 -1.79
CA PHE B 79 -6.67 -16.82 -1.87
C PHE B 79 -8.06 -16.24 -2.09
N LYS B 80 -8.81 -16.86 -2.98
CA LYS B 80 -10.12 -16.33 -3.31
C LYS B 80 -11.04 -16.27 -2.06
N GLY B 81 -11.01 -17.29 -1.23
CA GLY B 81 -11.94 -17.30 -0.11
C GLY B 81 -11.59 -16.33 0.99
N ILE B 82 -10.30 -16.16 1.28
CA ILE B 82 -9.96 -15.23 2.32
C ILE B 82 -10.31 -13.82 1.80
N GLN B 83 -10.25 -13.64 0.47
CA GLN B 83 -10.55 -12.32 -0.11
C GLN B 83 -11.97 -11.89 0.04
N TYR B 84 -12.88 -12.86 0.20
CA TYR B 84 -14.27 -12.51 0.51
C TYR B 84 -14.43 -11.79 1.81
N PHE B 85 -13.47 -11.97 2.75
CA PHE B 85 -13.57 -11.33 4.09
C PHE B 85 -12.92 -9.96 4.09
N CYS B 86 -12.27 -9.62 2.98
CA CYS B 86 -11.71 -8.27 2.80
C CYS B 86 -12.78 -7.25 2.39
N GLN B 87 -13.17 -6.39 3.32
CA GLN B 87 -14.34 -5.57 3.10
C GLN B 87 -14.01 -4.13 3.32
N LEU B 88 -14.46 -3.28 2.40
CA LEU B 88 -14.57 -1.85 2.65
C LEU B 88 -15.77 -1.62 3.57
N ASP B 89 -15.57 -0.92 4.68
CA ASP B 89 -16.65 -0.70 5.61
C ASP B 89 -16.31 0.56 6.37
N ARG B 90 -17.27 1.49 6.42
CA ARG B 90 -17.06 2.79 7.06
C ARG B 90 -15.89 3.52 6.35
N GLY B 91 -15.60 3.09 5.11
CA GLY B 91 -14.51 3.62 4.31
C GLY B 91 -13.12 3.24 4.83
N ILE B 92 -13.04 2.13 5.55
CA ILE B 92 -11.73 1.57 5.94
C ILE B 92 -11.77 0.17 5.37
N LEU B 93 -10.72 -0.25 4.68
CA LEU B 93 -10.61 -1.59 4.10
C LEU B 93 -9.85 -2.52 5.04
N ALA B 94 -10.45 -3.64 5.39
CA ALA B 94 -9.77 -4.57 6.30
C ALA B 94 -10.58 -5.89 6.28
N TYR B 95 -10.11 -6.90 7.01
CA TYR B 95 -10.73 -8.21 7.02
C TYR B 95 -11.80 -8.32 8.10
N SER B 96 -13.05 -8.47 7.68
CA SER B 96 -14.15 -8.47 8.66
C SER B 96 -14.30 -9.92 9.12
N CYS B 97 -14.87 -10.09 10.33
CA CYS B 97 -15.13 -11.44 10.89
C CYS B 97 -15.97 -12.41 9.99
N TYR B 98 -17.00 -11.88 9.32
CA TYR B 98 -17.73 -12.63 8.30
C TYR B 98 -17.57 -11.86 6.98
N PRO B 99 -17.81 -12.53 5.84
CA PRO B 99 -17.46 -11.99 4.53
C PRO B 99 -18.48 -10.98 4.02
N ALA B 100 -18.68 -9.92 4.79
CA ALA B 100 -19.48 -8.84 4.35
C ALA B 100 -19.28 -7.70 5.35
N ALA B 101 -19.44 -6.49 4.84
CA ALA B 101 -19.51 -5.25 5.63
C ALA B 101 -20.65 -5.25 6.66
N GLY B 102 -20.59 -4.39 7.65
CA GLY B 102 -21.61 -4.36 8.70
C GLY B 102 -21.41 -5.49 9.74
N ASN B 103 -20.32 -6.23 9.60
CA ASN B 103 -19.88 -7.17 10.64
C ASN B 103 -18.84 -6.59 11.62
N GLU B 104 -18.73 -7.23 12.77
CA GLU B 104 -17.63 -6.91 13.67
C GLU B 104 -16.30 -7.07 12.94
N ARG B 105 -15.37 -6.21 13.36
CA ARG B 105 -14.00 -6.22 12.82
C ARG B 105 -12.99 -5.90 13.91
N PHE B 106 -11.92 -6.68 13.89
CA PHE B 106 -10.94 -6.71 14.99
C PHE B 106 -9.54 -6.51 14.43
N TYR B 107 -8.72 -5.80 15.18
CA TYR B 107 -7.32 -5.56 14.76
C TYR B 107 -6.54 -6.83 14.84
N ASP B 108 -6.85 -7.64 15.87
CA ASP B 108 -6.11 -8.87 16.03
C ASP B 108 -6.45 -9.91 14.95
N ASP B 109 -7.74 -10.04 14.65
CA ASP B 109 -8.13 -10.82 13.50
C ASP B 109 -7.24 -10.47 12.34
N ASN B 110 -7.02 -9.19 12.13
CA ASN B 110 -6.39 -8.76 10.91
C ASN B 110 -4.90 -9.05 10.86
N VAL B 111 -4.24 -8.80 12.00
CA VAL B 111 -2.78 -9.08 12.04
C VAL B 111 -2.45 -10.56 11.72
N TRP B 112 -3.30 -11.50 12.12
CA TRP B 112 -3.02 -12.92 11.82
C TRP B 112 -3.06 -13.14 10.25
N ILE B 113 -4.04 -12.53 9.61
CA ILE B 113 -4.16 -12.59 8.15
C ILE B 113 -2.97 -11.84 7.49
N GLY B 114 -2.61 -10.68 8.02
CA GLY B 114 -1.39 -10.02 7.52
C GLY B 114 -0.15 -10.86 7.62
N LEU B 115 0.00 -11.56 8.75
CA LEU B 115 1.14 -12.43 8.95
C LEU B 115 1.14 -13.57 7.89
N ASP B 116 -0.05 -14.13 7.66
CA ASP B 116 -0.24 -15.21 6.69
C ASP B 116 0.24 -14.71 5.32
N MET B 117 -0.19 -13.51 4.92
CA MET B 117 0.04 -12.91 3.59
C MET B 117 1.51 -12.60 3.40
N VAL B 118 2.11 -11.96 4.38
CA VAL B 118 3.52 -11.69 4.25
C VAL B 118 4.35 -12.89 4.04
N ASP B 119 4.17 -13.96 4.83
CA ASP B 119 4.92 -15.19 4.62
C ASP B 119 4.51 -15.91 3.30
N TRP B 120 3.24 -15.80 2.92
CA TRP B 120 2.73 -16.26 1.60
C TRP B 120 3.47 -15.52 0.45
N TYR B 121 3.61 -14.20 0.60
CA TYR B 121 4.47 -13.44 -0.29
C TYR B 121 5.86 -14.07 -0.36
N THR B 122 6.47 -14.25 0.81
CA THR B 122 7.83 -14.78 0.93
C THR B 122 8.04 -16.17 0.30
N GLU B 123 7.01 -17.02 0.35
CA GLU B 123 7.10 -18.36 -0.23
C GLU B 123 7.00 -18.37 -1.75
N THR B 124 6.33 -17.38 -2.33
CA THR B 124 5.91 -17.46 -3.72
C THR B 124 6.40 -16.32 -4.57
N LYS B 125 6.79 -15.23 -3.91
CA LYS B 125 7.00 -13.97 -4.61
C LYS B 125 5.82 -13.50 -5.49
N GLU B 126 4.60 -13.91 -5.18
CA GLU B 126 3.47 -13.29 -5.88
C GLU B 126 2.98 -12.05 -5.17
N MET B 127 2.93 -10.93 -5.91
CA MET B 127 2.73 -9.63 -5.30
C MET B 127 1.40 -9.45 -4.64
N ARG B 128 0.39 -10.19 -5.10
CA ARG B 128 -0.93 -9.94 -4.57
C ARG B 128 -0.97 -10.16 -3.07
N TYR B 129 -0.21 -11.13 -2.58
CA TYR B 129 -0.14 -11.37 -1.12
C TYR B 129 0.49 -10.17 -0.41
N LEU B 130 1.56 -9.64 -0.99
CA LEU B 130 2.23 -8.52 -0.31
C LEU B 130 1.31 -7.34 -0.32
N THR B 131 0.58 -7.16 -1.41
CA THR B 131 -0.50 -6.17 -1.46
C THR B 131 -1.54 -6.32 -0.33
N GLN B 132 -1.94 -7.55 -0.03
CA GLN B 132 -2.92 -7.78 1.03
C GLN B 132 -2.29 -7.59 2.41
N ALA B 133 -1.04 -8.03 2.56
CA ALA B 133 -0.22 -7.70 3.72
C ALA B 133 -0.14 -6.20 3.97
N LYS B 134 0.07 -5.39 2.92
CA LYS B 134 0.07 -3.92 3.09
C LYS B 134 -1.28 -3.35 3.52
N VAL B 135 -2.37 -3.89 2.95
CA VAL B 135 -3.71 -3.52 3.42
C VAL B 135 -3.86 -3.71 4.97
N VAL B 136 -3.50 -4.89 5.44
CA VAL B 136 -3.51 -5.19 6.88
C VAL B 136 -2.60 -4.22 7.61
N TRP B 137 -1.39 -4.04 7.07
CA TRP B 137 -0.48 -3.15 7.73
C TRP B 137 -1.07 -1.79 8.04
N ARG B 138 -1.46 -1.07 6.96
CA ARG B 138 -2.06 0.27 7.08
CA ARG B 138 -2.07 0.28 7.07
C ARG B 138 -3.19 0.35 8.12
N TYR B 139 -4.04 -0.64 8.13
CA TYR B 139 -5.17 -0.70 9.07
C TYR B 139 -4.67 -0.73 10.51
N LEU B 140 -3.65 -1.53 10.72
CA LEU B 140 -3.01 -1.65 12.04
C LEU B 140 -2.38 -0.34 12.53
N ILE B 141 -1.64 0.31 11.63
CA ILE B 141 -0.91 1.50 12.01
C ILE B 141 -1.81 2.73 11.97
N ASP B 142 -2.64 2.85 10.94
CA ASP B 142 -3.47 4.04 10.78
C ASP B 142 -4.66 4.03 11.72
N HIS B 143 -5.22 2.85 12.00
CA HIS B 143 -6.37 2.76 12.90
C HIS B 143 -6.11 1.97 14.19
N GLY B 144 -5.33 0.90 14.11
CA GLY B 144 -4.98 0.13 15.29
C GLY B 144 -4.21 0.93 16.33
N TRP B 145 -3.09 1.53 15.92
CA TRP B 145 -2.22 2.26 16.87
C TRP B 145 -2.78 3.64 17.14
N ASP B 146 -2.76 4.07 18.38
CA ASP B 146 -2.88 5.52 18.66
C ASP B 146 -2.24 5.78 20.01
N GLU B 147 -2.29 7.03 20.46
CA GLU B 147 -1.49 7.45 21.63
C GLU B 147 -2.23 7.26 22.95
N THR B 148 -3.48 6.82 22.88
CA THR B 148 -4.16 6.45 24.11
C THR B 148 -3.44 5.24 24.70
N CYS B 149 -3.42 5.18 26.02
CA CYS B 149 -2.73 4.12 26.77
C CYS B 149 -1.22 4.17 26.62
N GLY B 150 -0.69 5.33 26.21
CA GLY B 150 0.74 5.48 26.02
C GLY B 150 1.23 4.92 24.68
N GLY B 151 0.31 4.58 23.79
CA GLY B 151 0.65 3.77 22.60
C GLY B 151 -0.07 2.42 22.54
N GLY B 152 0.33 1.58 21.60
CA GLY B 152 -0.18 0.21 21.49
C GLY B 152 -1.37 0.11 20.56
N VAL B 153 -1.66 -1.13 20.16
CA VAL B 153 -2.73 -1.48 19.21
C VAL B 153 -4.06 -1.88 19.88
N HIS B 154 -5.15 -1.31 19.36
CA HIS B 154 -6.53 -1.55 19.83
C HIS B 154 -6.99 -2.99 19.61
N TRP B 155 -8.21 -3.30 20.07
CA TRP B 155 -8.78 -4.65 19.90
C TRP B 155 -9.94 -4.73 18.88
N ARG B 156 -11.10 -4.17 19.24
CA ARG B 156 -12.22 -4.19 18.35
C ARG B 156 -12.46 -2.82 17.72
N GLU B 157 -12.66 -2.81 16.40
CA GLU B 157 -12.91 -1.57 15.65
C GLU B 157 -14.44 -1.39 15.49
N LEU B 158 -15.10 -2.40 14.93
CA LEU B 158 -16.56 -2.45 14.70
C LEU B 158 -17.22 -3.59 15.55
N ASN B 159 -18.48 -3.45 15.93
CA ASN B 159 -19.28 -2.29 15.65
C ASN B 159 -18.98 -1.12 16.54
N GLU B 160 -18.72 -1.37 17.82
CA GLU B 160 -18.38 -0.32 18.76
C GLU B 160 -16.86 -0.44 18.99
N HIS B 161 -16.13 0.67 18.84
CA HIS B 161 -14.67 0.70 19.07
C HIS B 161 -14.38 0.55 20.55
N THR B 162 -13.46 -0.34 20.91
CA THR B 162 -13.03 -0.46 22.30
C THR B 162 -11.86 0.51 22.51
N THR B 163 -11.42 0.64 23.75
CA THR B 163 -10.45 1.68 24.10
C THR B 163 -9.24 1.09 24.83
N SER B 164 -9.19 -0.24 24.98
CA SER B 164 -8.09 -0.91 25.71
C SER B 164 -6.99 -1.32 24.69
N LYS B 165 -5.73 -1.39 25.13
CA LYS B 165 -4.66 -1.82 24.23
C LYS B 165 -4.25 -3.26 24.54
N HIS B 166 -4.14 -4.10 23.50
CA HIS B 166 -4.02 -5.55 23.72
C HIS B 166 -2.69 -6.07 23.28
N SER B 167 -2.11 -6.98 24.07
CA SER B 167 -0.98 -7.88 23.62
C SER B 167 -1.28 -8.67 22.31
N CYS B 168 -2.54 -9.04 22.15
CA CYS B 168 -2.91 -9.95 21.07
C CYS B 168 -2.92 -9.24 19.72
N SER B 169 -2.90 -7.93 19.79
CA SER B 169 -2.75 -7.12 18.57
C SER B 169 -1.40 -6.40 18.47
N THR B 170 -0.91 -5.88 19.58
CA THR B 170 0.37 -5.18 19.56
C THR B 170 1.57 -6.09 19.29
N GLY B 171 1.67 -7.24 19.97
CA GLY B 171 2.83 -8.15 19.86
C GLY B 171 3.01 -8.72 18.46
N PRO B 172 1.93 -9.25 17.86
CA PRO B 172 2.16 -9.76 16.52
C PRO B 172 2.27 -8.65 15.48
N THR B 173 1.81 -7.44 15.76
CA THR B 173 2.12 -6.32 14.86
C THR B 173 3.62 -6.00 14.85
N ALA B 174 4.30 -6.24 15.98
CA ALA B 174 5.80 -6.20 16.04
C ALA B 174 6.37 -7.33 15.19
N VAL B 175 5.85 -8.54 15.34
CA VAL B 175 6.28 -9.60 14.38
C VAL B 175 6.00 -9.23 12.93
N MET B 176 4.83 -8.67 12.63
CA MET B 176 4.48 -8.42 11.21
C MET B 176 5.37 -7.34 10.58
N GLY B 177 5.62 -6.29 11.34
CA GLY B 177 6.60 -5.31 10.93
C GLY B 177 8.01 -5.79 10.60
N CYS B 178 8.58 -6.61 11.47
CA CYS B 178 9.87 -7.30 11.20
C CYS B 178 9.82 -8.09 9.91
N LYS B 179 8.77 -8.88 9.72
CA LYS B 179 8.67 -9.68 8.49
C LYS B 179 8.45 -8.80 7.21
N MET B 180 7.69 -7.71 7.35
CA MET B 180 7.51 -6.70 6.28
C MET B 180 8.84 -6.02 5.96
N TYR B 181 9.57 -5.64 7.01
CA TYR B 181 10.92 -5.11 6.85
C TYR B 181 11.81 -6.10 6.06
N LEU B 182 11.83 -7.37 6.45
CA LEU B 182 12.70 -8.32 5.76
C LEU B 182 12.22 -8.49 4.32
N ALA B 183 10.94 -8.27 4.06
CA ALA B 183 10.37 -8.53 2.73
C ALA B 183 10.67 -7.37 1.77
N THR B 184 10.77 -6.16 2.31
CA THR B 184 10.80 -4.96 1.47
C THR B 184 11.98 -4.06 1.79
N GLN B 185 12.62 -4.26 2.94
CA GLN B 185 13.63 -3.29 3.43
C GLN B 185 13.17 -1.83 3.57
N GLU B 186 11.85 -1.57 3.60
CA GLU B 186 11.42 -0.19 3.96
C GLU B 186 11.50 0.03 5.43
N GLN B 187 12.08 1.15 5.81
CA GLN B 187 12.36 1.44 7.23
C GLN B 187 11.08 1.59 8.08
N GLU B 188 9.98 2.01 7.46
CA GLU B 188 8.73 2.21 8.17
C GLU B 188 8.33 1.00 9.02
N TYR B 189 8.56 -0.19 8.49
CA TYR B 189 8.16 -1.38 9.17
C TYR B 189 9.01 -1.73 10.39
N LEU B 190 10.29 -1.39 10.32
CA LEU B 190 11.20 -1.69 11.39
C LEU B 190 10.93 -0.69 12.52
N ASP B 191 10.65 0.57 12.16
CA ASP B 191 10.36 1.63 13.15
C ASP B 191 9.11 1.32 13.95
N TRP B 192 8.05 0.91 13.26
CA TRP B 192 6.81 0.53 13.92
C TRP B 192 6.85 -0.75 14.75
N ALA B 193 7.61 -1.74 14.27
CA ALA B 193 7.84 -2.98 15.00
C ALA B 193 8.56 -2.73 16.31
N ILE B 194 9.58 -1.89 16.28
CA ILE B 194 10.26 -1.48 17.53
C ILE B 194 9.24 -0.79 18.44
N LYS B 195 8.42 0.12 17.92
CA LYS B 195 7.48 0.81 18.80
C LYS B 195 6.50 -0.23 19.40
N CYS B 196 6.07 -1.23 18.62
CA CYS B 196 5.08 -2.21 19.14
C CYS B 196 5.75 -3.08 20.21
N TYR B 197 6.96 -3.55 19.91
CA TYR B 197 7.82 -4.26 20.85
C TYR B 197 8.03 -3.44 22.13
N ASP B 198 8.56 -2.23 21.99
CA ASP B 198 8.87 -1.44 23.17
C ASP B 198 7.60 -1.25 24.03
N TYR B 199 6.42 -1.09 23.40
CA TYR B 199 5.17 -0.97 24.13
C TYR B 199 4.89 -2.25 24.86
N MET B 200 5.09 -3.37 24.19
CA MET B 200 4.97 -4.64 24.90
C MET B 200 5.81 -4.68 26.19
N LEU B 201 7.12 -4.49 26.08
CA LEU B 201 8.05 -4.56 27.22
C LEU B 201 7.75 -3.49 28.30
N ASP B 202 7.38 -2.28 27.84
CA ASP B 202 7.15 -1.11 28.70
C ASP B 202 5.81 -1.11 29.49
N VAL B 203 4.74 -1.65 28.92
CA VAL B 203 3.40 -1.51 29.54
C VAL B 203 2.82 -2.88 29.85
N LEU B 204 3.06 -3.87 28.97
CA LEU B 204 2.28 -5.09 29.07
C LEU B 204 3.06 -6.31 29.56
N GLN B 205 4.30 -6.09 30.05
CA GLN B 205 5.11 -7.24 30.48
C GLN B 205 5.18 -7.31 31.96
N ASP B 206 5.11 -8.55 32.49
CA ASP B 206 5.42 -8.83 33.88
C ASP B 206 6.94 -8.97 34.01
N LYS B 207 7.59 -8.10 34.80
CA LYS B 207 9.08 -8.13 34.86
C LYS B 207 9.59 -9.25 35.73
N SER B 208 8.66 -9.87 36.47
CA SER B 208 9.03 -10.96 37.36
C SER B 208 9.39 -12.21 36.55
N ASP B 209 8.75 -12.44 35.39
CA ASP B 209 9.02 -13.63 34.58
C ASP B 209 9.15 -13.37 33.04
N HIS B 210 9.02 -12.08 32.68
CA HIS B 210 9.12 -11.63 31.30
C HIS B 210 7.94 -12.07 30.39
N LEU B 211 6.90 -12.68 30.99
CA LEU B 211 5.66 -13.03 30.27
C LEU B 211 4.71 -11.83 30.19
N PHE B 212 3.74 -11.93 29.25
CA PHE B 212 2.92 -10.78 28.92
C PHE B 212 1.45 -10.87 29.38
N TYR B 213 1.01 -9.82 30.08
CA TYR B 213 -0.38 -9.64 30.46
C TYR B 213 -1.27 -9.52 29.21
N ASP B 214 -2.57 -9.34 29.45
CA ASP B 214 -3.52 -9.38 28.33
C ASP B 214 -3.84 -8.05 27.65
N ASN B 215 -4.14 -7.02 28.43
CA ASN B 215 -4.52 -5.72 27.88
C ASN B 215 -4.49 -4.69 28.97
N VAL B 216 -4.42 -3.43 28.56
CA VAL B 216 -4.34 -2.33 29.50
C VAL B 216 -5.50 -1.41 29.12
N ARG B 217 -6.07 -0.74 30.12
CA ARG B 217 -7.14 0.26 29.87
C ARG B 217 -6.58 1.63 30.10
N PRO B 218 -7.22 2.66 29.52
CA PRO B 218 -6.71 4.04 29.59
C PRO B 218 -6.67 4.54 31.04
N ASN B 219 -5.67 5.35 31.41
CA ASN B 219 -5.62 5.86 32.79
C ASN B 219 -6.84 6.75 33.04
N LYS B 220 -7.51 6.55 34.18
CA LYS B 220 -8.70 7.33 34.53
C LYS B 220 -8.47 8.84 34.40
N ASP B 221 -7.42 9.35 35.03
CA ASP B 221 -7.14 10.78 34.93
C ASP B 221 -6.82 11.21 33.49
N ASP B 222 -5.93 10.45 32.82
CA ASP B 222 -5.37 10.86 31.54
C ASP B 222 -5.42 9.71 30.53
N PRO B 223 -6.37 9.72 29.60
CA PRO B 223 -6.48 8.58 28.68
C PRO B 223 -5.23 8.28 27.85
N ASN B 224 -4.24 9.17 27.88
CA ASN B 224 -3.04 8.95 27.07
C ASN B 224 -1.99 8.24 27.85
N LEU B 225 -2.29 7.92 29.10
CA LEU B 225 -1.38 7.15 29.93
C LEU B 225 -2.00 5.78 30.22
N PRO B 226 -1.15 4.79 30.38
CA PRO B 226 -1.62 3.46 30.67
C PRO B 226 -2.27 3.38 32.05
N GLY B 227 -3.35 2.60 32.13
CA GLY B 227 -4.13 2.47 33.35
C GLY B 227 -4.12 1.09 33.96
N ASP B 228 -5.29 0.61 34.37
CA ASP B 228 -5.43 -0.74 34.89
C ASP B 228 -5.09 -1.82 33.83
N LEU B 229 -4.46 -2.85 34.34
CA LEU B 229 -4.02 -4.01 33.57
C LEU B 229 -4.95 -5.18 33.84
N GLU B 230 -5.24 -5.92 32.79
CA GLU B 230 -5.65 -7.33 32.94
C GLU B 230 -4.48 -8.35 32.73
N LYS B 231 -4.18 -9.06 33.82
CA LYS B 231 -2.91 -9.79 33.98
C LYS B 231 -3.03 -11.29 33.67
N ASN B 232 -4.06 -11.67 32.92
CA ASN B 232 -4.23 -13.05 32.46
C ASN B 232 -3.10 -13.24 31.45
N LYS B 233 -2.34 -14.31 31.63
CA LYS B 233 -1.26 -14.69 30.71
C LYS B 233 -1.65 -15.83 29.81
N TYR B 234 -1.73 -15.52 28.52
CA TYR B 234 -2.03 -16.54 27.55
C TYR B 234 -0.80 -16.72 26.67
N SER B 235 -0.56 -17.98 26.26
CA SER B 235 0.69 -18.40 25.65
C SER B 235 1.06 -17.57 24.43
N TYR B 236 0.08 -17.27 23.58
CA TYR B 236 0.28 -16.54 22.35
C TYR B 236 0.67 -15.08 22.55
N ASN B 237 0.20 -14.52 23.66
CA ASN B 237 0.64 -13.15 24.02
C ASN B 237 2.10 -13.03 24.41
N SER B 238 2.70 -14.14 24.90
CA SER B 238 4.15 -14.13 25.14
C SER B 238 4.96 -14.67 23.94
N GLY B 239 4.43 -15.61 23.16
CA GLY B 239 5.32 -16.23 22.15
C GLY B 239 5.51 -15.24 21.00
N GLN B 240 4.56 -14.31 20.84
CA GLN B 240 4.70 -13.35 19.74
C GLN B 240 5.80 -12.30 20.05
N PRO B 241 5.72 -11.64 21.22
CA PRO B 241 6.96 -10.90 21.63
C PRO B 241 8.27 -11.76 21.54
N LEU B 242 8.22 -13.04 21.94
CA LEU B 242 9.40 -13.87 21.77
C LEU B 242 9.83 -13.84 20.30
N GLN B 243 8.85 -14.11 19.40
CA GLN B 243 9.14 -14.12 17.95
C GLN B 243 9.65 -12.74 17.49
N ALA B 244 9.02 -11.66 17.95
CA ALA B 244 9.45 -10.34 17.55
C ALA B 244 10.91 -10.12 17.98
N ALA B 245 11.25 -10.52 19.22
CA ALA B 245 12.65 -10.33 19.76
C ALA B 245 13.66 -11.03 18.90
N CYS B 246 13.36 -12.26 18.52
CA CYS B 246 14.28 -13.00 17.65
C CYS B 246 14.37 -12.31 16.30
N LEU B 247 13.26 -11.78 15.76
CA LEU B 247 13.29 -11.13 14.41
C LEU B 247 14.03 -9.79 14.45
N LEU B 248 13.81 -9.05 15.53
CA LEU B 248 14.58 -7.83 15.73
C LEU B 248 16.11 -8.05 15.89
N TYR B 249 16.49 -9.11 16.59
CA TYR B 249 17.90 -9.51 16.64
C TYR B 249 18.44 -9.84 15.21
N LYS B 250 17.72 -10.67 14.45
CA LYS B 250 18.18 -11.04 13.12
C LYS B 250 18.36 -9.76 12.28
N ILE B 251 17.53 -8.76 12.53
CA ILE B 251 17.50 -7.55 11.69
C ILE B 251 18.57 -6.57 12.14
N THR B 252 18.65 -6.26 13.44
CA THR B 252 19.50 -5.18 13.95
C THR B 252 20.83 -5.69 14.50
N GLY B 253 20.89 -6.99 14.80
CA GLY B 253 22.09 -7.51 15.43
C GLY B 253 22.26 -7.14 16.91
N GLU B 254 21.33 -6.38 17.49
CA GLU B 254 21.58 -5.86 18.84
C GLU B 254 21.28 -6.97 19.86
N GLN B 255 22.27 -7.29 20.69
CA GLN B 255 22.18 -8.44 21.58
C GLN B 255 21.06 -8.31 22.60
N LYS B 256 20.63 -7.10 22.95
CA LYS B 256 19.53 -6.99 23.88
C LYS B 256 18.28 -7.76 23.41
N TYR B 257 18.02 -7.84 22.10
CA TYR B 257 16.83 -8.52 21.60
C TYR B 257 16.94 -10.01 21.89
N LEU B 258 18.14 -10.52 21.76
CA LEU B 258 18.28 -11.96 21.90
C LEU B 258 18.33 -12.34 23.40
N ASP B 259 18.93 -11.49 24.24
CA ASP B 259 18.85 -11.78 25.70
C ASP B 259 17.41 -11.81 26.18
N GLU B 260 16.58 -10.91 25.66
CA GLU B 260 15.18 -10.88 26.00
C GLU B 260 14.47 -12.13 25.52
N ALA B 261 14.74 -12.55 24.27
CA ALA B 261 14.16 -13.80 23.73
C ALA B 261 14.40 -15.00 24.62
N TYR B 262 15.65 -15.20 25.03
CA TYR B 262 15.99 -16.31 25.90
C TYR B 262 15.10 -16.35 27.13
N ALA B 263 14.97 -15.20 27.78
CA ALA B 263 14.19 -15.03 29.01
C ALA B 263 12.70 -15.32 28.82
N ILE B 264 12.14 -14.89 27.70
CA ILE B 264 10.70 -15.10 27.49
C ILE B 264 10.48 -16.57 27.13
N ALA B 265 11.37 -17.10 26.28
CA ALA B 265 11.41 -18.55 25.96
C ALA B 265 11.50 -19.48 27.19
N GLU B 266 12.49 -19.27 28.06
CA GLU B 266 12.56 -20.05 29.33
C GLU B 266 11.20 -20.01 30.06
N SER B 267 10.64 -18.83 30.23
CA SER B 267 9.37 -18.81 30.96
C SER B 267 8.20 -19.42 30.25
N CYS B 268 8.09 -19.23 28.94
CA CYS B 268 6.99 -19.85 28.23
C CYS B 268 7.14 -21.32 28.45
N HIS B 269 8.38 -21.78 28.38
CA HIS B 269 8.62 -23.23 28.37
C HIS B 269 8.22 -23.79 29.72
N LYS B 270 8.57 -23.08 30.78
CA LYS B 270 8.22 -23.58 32.10
C LYS B 270 6.72 -23.52 32.36
N LYS B 271 6.00 -22.60 31.72
CA LYS B 271 4.58 -22.44 32.07
C LYS B 271 3.70 -23.34 31.23
N TRP B 272 4.01 -23.46 29.96
CA TRP B 272 3.00 -24.01 29.05
C TRP B 272 3.30 -25.43 28.56
N PHE B 273 4.40 -25.99 29.05
CA PHE B 273 4.70 -27.40 28.87
C PHE B 273 4.73 -28.04 30.27
N MET B 274 4.58 -29.35 30.35
CA MET B 274 4.53 -30.00 31.67
C MET B 274 5.23 -31.34 31.59
N PRO B 275 5.77 -31.83 32.72
CA PRO B 275 6.46 -33.12 32.56
C PRO B 275 5.50 -34.24 32.13
N TYR B 276 5.96 -35.18 31.32
CA TYR B 276 5.09 -36.22 30.79
C TYR B 276 5.89 -37.44 30.34
N ARG B 277 5.52 -38.60 30.85
CA ARG B 277 6.01 -39.87 30.33
C ARG B 277 5.10 -40.43 29.22
N SER B 278 5.64 -40.65 28.02
CA SER B 278 4.89 -41.29 26.93
C SER B 278 5.10 -42.80 26.86
N LYS B 279 4.03 -43.57 27.01
CA LYS B 279 4.09 -45.02 26.80
C LYS B 279 4.48 -45.31 25.34
N GLU B 280 3.71 -44.75 24.41
CA GLU B 280 3.90 -45.05 22.99
C GLU B 280 5.27 -44.64 22.47
N LEU B 281 5.88 -43.62 23.08
CA LEU B 281 7.25 -43.24 22.73
C LEU B 281 8.27 -43.79 23.70
N ASN B 282 7.83 -44.25 24.86
CA ASN B 282 8.81 -44.68 25.85
C ASN B 282 9.87 -43.57 26.11
N LEU B 283 9.39 -42.36 26.43
CA LEU B 283 10.25 -41.22 26.71
C LEU B 283 9.64 -40.33 27.79
N THR B 284 10.50 -39.69 28.57
CA THR B 284 10.09 -38.57 29.39
C THR B 284 10.52 -37.24 28.77
N PHE B 285 9.55 -36.37 28.54
CA PHE B 285 9.80 -35.02 28.12
C PHE B 285 8.75 -34.07 28.72
N ASN B 286 8.84 -32.79 28.38
CA ASN B 286 7.77 -31.82 28.62
C ASN B 286 6.84 -31.63 27.43
N ILE B 287 5.62 -32.09 27.61
CA ILE B 287 4.58 -32.01 26.59
C ILE B 287 3.84 -30.68 26.63
N LEU B 288 3.42 -30.22 25.45
CA LEU B 288 2.57 -29.06 25.40
C LEU B 288 1.35 -29.34 26.24
N ALA B 289 1.14 -28.54 27.28
CA ALA B 289 0.12 -28.85 28.27
C ALA B 289 -1.29 -28.65 27.75
N PRO B 290 -2.26 -29.41 28.29
CA PRO B 290 -3.64 -29.25 27.78
C PRO B 290 -4.05 -27.79 27.78
N GLY B 291 -4.50 -27.30 26.65
CA GLY B 291 -4.67 -25.88 26.50
C GLY B 291 -5.40 -25.58 25.22
N HIS B 292 -5.45 -24.30 24.90
CA HIS B 292 -5.96 -23.79 23.67
C HIS B 292 -4.85 -24.01 22.59
N ALA B 293 -5.15 -24.85 21.60
CA ALA B 293 -4.15 -25.35 20.71
C ALA B 293 -3.64 -24.23 19.83
N TRP B 294 -4.56 -23.43 19.33
CA TRP B 294 -4.16 -22.29 18.48
C TRP B 294 -3.31 -21.24 19.25
N PHE B 295 -3.72 -20.81 20.45
CA PHE B 295 -2.85 -19.92 21.22
C PHE B 295 -1.49 -20.54 21.26
N ASN B 296 -1.44 -21.83 21.58
CA ASN B 296 -0.14 -22.53 21.75
C ASN B 296 0.72 -22.64 20.49
N THR B 297 0.07 -22.80 19.32
CA THR B 297 0.81 -22.91 18.05
C THR B 297 1.43 -21.55 17.75
N ILE B 298 0.63 -20.52 17.99
CA ILE B 298 1.06 -19.16 17.82
C ILE B 298 2.25 -18.93 18.76
N MET B 299 2.19 -19.48 19.96
CA MET B 299 3.28 -19.34 20.93
C MET B 299 4.54 -19.95 20.35
N CYS B 300 4.38 -21.21 19.95
CA CYS B 300 5.48 -22.02 19.32
C CYS B 300 6.20 -21.30 18.17
N ARG B 301 5.54 -20.38 17.45
CA ARG B 301 6.27 -19.59 16.41
C ARG B 301 7.52 -18.96 17.01
N GLY B 302 7.42 -18.59 18.27
CA GLY B 302 8.53 -17.88 18.91
C GLY B 302 9.68 -18.81 19.17
N PHE B 303 9.37 -20.06 19.47
CA PHE B 303 10.42 -21.11 19.57
C PHE B 303 11.12 -21.58 18.26
N PHE B 304 10.34 -21.66 17.19
CA PHE B 304 10.93 -21.86 15.83
C PHE B 304 11.82 -20.70 15.41
N GLU B 305 11.31 -19.47 15.52
CA GLU B 305 12.19 -18.34 15.21
C GLU B 305 13.54 -18.45 15.96
N LEU B 306 13.49 -18.85 17.24
CA LEU B 306 14.71 -18.80 18.10
C LEU B 306 15.78 -19.87 17.79
N TYR B 307 15.31 -21.09 17.61
CA TYR B 307 16.12 -22.18 17.19
C TYR B 307 16.90 -21.74 15.95
N SER B 308 16.19 -21.12 14.99
CA SER B 308 16.78 -20.58 13.78
C SER B 308 18.01 -19.68 14.00
N ILE B 309 18.14 -19.09 15.18
CA ILE B 309 19.27 -18.23 15.51
C ILE B 309 20.36 -18.93 16.32
N ASP B 310 19.98 -19.63 17.41
CA ASP B 310 20.99 -20.20 18.34
C ASP B 310 21.26 -21.71 18.21
N ASN B 311 20.44 -22.40 17.44
CA ASN B 311 20.68 -23.79 17.16
C ASN B 311 20.54 -24.72 18.39
N ASP B 312 19.92 -24.21 19.42
CA ASP B 312 19.76 -24.94 20.67
C ASP B 312 18.34 -25.53 20.58
N ARG B 313 18.28 -26.84 20.46
CA ARG B 313 17.07 -27.53 20.07
C ARG B 313 16.26 -28.02 21.28
N LYS B 314 16.67 -27.62 22.48
CA LYS B 314 16.01 -28.12 23.68
C LYS B 314 14.50 -27.87 23.73
N TYR B 315 13.98 -26.78 23.14
CA TYR B 315 12.52 -26.53 23.18
C TYR B 315 11.79 -27.24 22.05
N ILE B 316 12.35 -27.11 20.86
CA ILE B 316 11.91 -27.87 19.71
C ILE B 316 11.79 -29.37 19.95
N ASP B 317 12.76 -30.00 20.64
CA ASP B 317 12.61 -31.45 21.00
C ASP B 317 11.27 -31.74 21.71
N ASP B 318 10.93 -30.91 22.70
CA ASP B 318 9.66 -31.10 23.43
C ASP B 318 8.41 -30.96 22.54
N ILE B 319 8.39 -29.92 21.70
CA ILE B 319 7.29 -29.75 20.73
C ILE B 319 7.26 -30.95 19.75
N GLU B 320 8.44 -31.38 19.30
CA GLU B 320 8.50 -32.47 18.36
C GLU B 320 7.98 -33.74 19.04
N LYS B 321 8.51 -34.01 20.23
CA LYS B 321 8.01 -35.10 21.05
C LYS B 321 6.52 -34.97 21.38
N SER B 322 6.02 -33.76 21.63
CA SER B 322 4.58 -33.54 21.80
C SER B 322 3.71 -34.09 20.61
N MET B 323 4.14 -33.83 19.40
CA MET B 323 3.33 -34.05 18.22
C MET B 323 3.55 -35.46 17.63
N ILE B 324 4.75 -35.99 17.83
CA ILE B 324 4.96 -37.39 17.58
C ILE B 324 4.12 -38.17 18.58
N HIS B 325 4.12 -37.75 19.85
CA HIS B 325 3.28 -38.45 20.81
C HIS B 325 1.80 -38.38 20.46
N ALA B 326 1.32 -37.17 20.24
CA ALA B 326 -0.07 -36.98 19.83
C ALA B 326 -0.49 -37.86 18.63
N TRP B 327 0.37 -37.95 17.61
CA TRP B 327 0.01 -38.68 16.37
C TRP B 327 -0.17 -40.17 16.70
N SER B 328 0.72 -40.69 17.53
CA SER B 328 0.80 -42.10 17.77
C SER B 328 0.04 -42.58 19.03
N SER B 329 -0.83 -41.74 19.60
CA SER B 329 -1.55 -42.10 20.82
C SER B 329 -3.07 -41.98 20.69
N SER B 330 -3.81 -42.13 21.78
CA SER B 330 -5.27 -41.93 21.73
C SER B 330 -5.71 -40.48 21.42
N CYS B 331 -4.76 -39.55 21.37
CA CYS B 331 -5.11 -38.20 20.92
C CYS B 331 -5.60 -38.23 19.46
N HIS B 332 -4.88 -38.98 18.62
CA HIS B 332 -5.23 -39.21 17.22
C HIS B 332 -6.53 -40.00 17.07
N GLN B 333 -7.56 -39.39 16.50
CA GLN B 333 -8.81 -40.12 16.22
C GLN B 333 -8.76 -41.03 14.98
N GLY B 334 -9.63 -42.03 14.99
CA GLY B 334 -9.96 -42.77 13.78
C GLY B 334 -10.26 -41.90 12.56
N ASN B 335 -10.93 -40.77 12.75
CA ASN B 335 -11.22 -39.88 11.62
C ASN B 335 -9.98 -39.10 11.19
N ASN B 336 -8.82 -39.44 11.77
CA ASN B 336 -7.55 -38.79 11.44
C ASN B 336 -7.24 -37.41 12.08
N LEU B 337 -8.24 -36.75 12.66
CA LEU B 337 -7.93 -35.53 13.38
C LEU B 337 -7.34 -35.90 14.73
N LEU B 338 -6.84 -34.89 15.46
CA LEU B 338 -6.29 -35.03 16.80
C LEU B 338 -7.21 -34.28 17.76
N ASN B 339 -7.20 -34.70 19.02
CA ASN B 339 -8.00 -34.09 20.11
C ASN B 339 -7.23 -32.90 20.76
N ASP B 340 -7.50 -31.70 20.27
CA ASP B 340 -6.52 -30.63 20.40
C ASP B 340 -6.49 -30.09 21.80
N ASP B 341 -7.45 -30.49 22.64
CA ASP B 341 -7.48 -30.08 24.04
C ASP B 341 -6.41 -30.74 24.91
N ASP B 342 -5.80 -31.82 24.43
CA ASP B 342 -4.92 -32.65 25.31
C ASP B 342 -4.10 -33.60 24.44
N LEU B 343 -2.89 -33.16 24.15
CA LEU B 343 -2.03 -33.95 23.30
C LEU B 343 -1.55 -35.28 23.94
N ARG B 344 -1.76 -35.41 25.25
CA ARG B 344 -1.48 -36.64 25.97
C ARG B 344 -2.33 -37.81 25.52
N GLY B 345 -3.53 -37.49 24.99
CA GLY B 345 -4.54 -38.48 24.65
C GLY B 345 -5.31 -38.75 25.92
N GLY B 346 -6.49 -39.38 25.80
CA GLY B 346 -7.29 -39.73 26.98
C GLY B 346 -8.61 -38.98 27.09
N THR B 347 -8.77 -37.91 26.33
CA THR B 347 -10.03 -37.21 26.31
C THR B 347 -10.87 -37.76 25.19
N THR B 348 -12.13 -37.42 25.23
CA THR B 348 -13.07 -37.81 24.18
C THR B 348 -13.61 -36.50 23.64
N LYS B 349 -13.61 -36.37 22.31
CA LYS B 349 -14.25 -35.26 21.64
C LYS B 349 -15.16 -35.86 20.58
N THR B 350 -16.23 -35.17 20.20
CA THR B 350 -17.03 -35.56 19.03
C THR B 350 -17.21 -34.41 18.01
N GLY B 351 -16.32 -33.43 18.05
CA GLY B 351 -16.49 -32.20 17.29
C GLY B 351 -15.18 -31.44 17.37
N TRP B 352 -14.66 -31.02 16.20
CA TRP B 352 -13.32 -30.40 16.12
C TRP B 352 -13.36 -29.16 15.28
N GLU B 353 -12.73 -28.10 15.78
CA GLU B 353 -12.84 -26.76 15.19
C GLU B 353 -11.71 -26.52 14.19
N ILE B 354 -12.00 -25.82 13.11
CA ILE B 354 -10.92 -25.50 12.16
C ILE B 354 -9.79 -24.68 12.85
N LEU B 355 -10.16 -23.77 13.75
CA LEU B 355 -9.14 -22.94 14.40
C LEU B 355 -8.00 -23.85 14.94
N HIS B 356 -8.37 -24.87 15.73
CA HIS B 356 -7.39 -25.75 16.39
C HIS B 356 -6.77 -26.81 15.55
N GLN B 357 -7.52 -27.39 14.62
CA GLN B 357 -6.94 -28.35 13.69
C GLN B 357 -5.88 -27.72 12.77
N GLY B 358 -6.21 -26.58 12.13
CA GLY B 358 -5.20 -25.81 11.38
C GLY B 358 -3.99 -25.44 12.25
N ALA B 359 -4.26 -25.19 13.52
CA ALA B 359 -3.19 -24.87 14.44
C ALA B 359 -2.20 -26.05 14.62
N LEU B 360 -2.73 -27.26 14.77
CA LEU B 360 -1.89 -28.42 14.96
C LEU B 360 -1.28 -28.82 13.64
N VAL B 361 -2.02 -28.63 12.54
CA VAL B 361 -1.47 -28.90 11.21
C VAL B 361 -0.23 -28.04 11.02
N GLU B 362 -0.33 -26.75 11.36
CA GLU B 362 0.84 -25.83 11.22
C GLU B 362 2.08 -26.37 11.96
N LEU B 363 1.90 -26.88 13.19
CA LEU B 363 2.98 -27.54 13.95
C LEU B 363 3.68 -28.70 13.21
N TYR B 364 2.88 -29.60 12.64
CA TYR B 364 3.42 -30.71 11.84
C TYR B 364 4.12 -30.19 10.58
N ALA B 365 3.55 -29.16 9.94
CA ALA B 365 4.21 -28.43 8.82
C ALA B 365 5.59 -27.86 9.21
N ARG B 366 5.67 -27.14 10.32
CA ARG B 366 6.97 -26.64 10.80
C ARG B 366 7.97 -27.72 11.13
N LEU B 367 7.50 -28.83 11.71
CA LEU B 367 8.37 -29.97 11.99
C LEU B 367 8.84 -30.65 10.68
N ALA B 368 7.96 -30.64 9.69
CA ALA B 368 8.27 -31.07 8.31
C ALA B 368 9.34 -30.20 7.62
N VAL B 369 9.29 -28.87 7.80
CA VAL B 369 10.40 -28.01 7.32
C VAL B 369 11.75 -28.38 7.93
N LEU B 370 11.74 -28.63 9.24
CA LEU B 370 13.00 -28.88 9.93
C LEU B 370 13.56 -30.21 9.47
N GLU B 371 12.67 -31.15 9.21
CA GLU B 371 13.10 -32.45 8.68
C GLU B 371 13.80 -32.33 7.32
N ARG B 372 13.26 -31.49 6.43
CA ARG B 372 13.93 -31.17 5.17
C ARG B 372 15.34 -30.62 5.28
N GLU B 373 15.57 -29.64 6.15
CA GLU B 373 16.93 -29.14 6.35
C GLU B 373 17.68 -29.93 7.38
N ASN B 374 17.27 -31.18 7.57
CA ASN B 374 17.84 -32.04 8.59
C ASN B 374 18.32 -31.30 9.82
N ARG B 375 17.49 -30.33 10.23
CA ARG B 375 17.57 -29.72 11.54
C ARG B 375 16.46 -30.28 12.41
#